data_5BWZ
#
_entry.id   5BWZ
#
_cell.length_a   53.379
_cell.length_b   84.390
_cell.length_c   94.639
_cell.angle_alpha   90.00
_cell.angle_beta   99.37
_cell.angle_gamma   90.00
#
_symmetry.space_group_name_H-M   'P 1 21 1'
#
loop_
_entity.id
_entity.type
_entity.pdbx_description
1 polymer 'Histone deacetylase 8'
2 non-polymer 'ZINC ION'
3 non-polymer 'POTASSIUM ION'
4 non-polymer Droxinostat
5 non-polymer GLYCEROL
6 water water
#
_entity_poly.entity_id   1
_entity_poly.type   'polypeptide(L)'
_entity_poly.pdbx_seq_one_letter_code
;MEEPEEPADSGQSLVPVYIYSPEYVSMCDSLAKIPKRAEMVHSLIEAYALHKQMRIVKPKVASMEEMATFHTDAYLQHLQ
KVSQEGDDDHPDSIEYGLGYDCPATEGIFDYAAAIGGATITAAQCLIDGMCKVAINWSGGWHHAKKDEASGFCYLNDAVL
GILRLRRKFERILYVDLDLHHGDGVEDAFSFTSKVMTVSLHKFSPGFFPGTGDVSDVGLGKGRYYSVNVPIQDGIQDEKY
YQICESVLKEVYQAFNPKAVVLQLGADTIAGDPMCSFNMTPVGIGKCLKYILQWQLATLILGGGGYNLANTARCWTYLTG
VILGKTLSSEIPDHEFFTAYGPDYVLEITPSCRPDRNEPHRIQQILNYIKGNLKHVVIEGRGSHHHHHH
;
_entity_poly.pdbx_strand_id   A,B
#
loop_
_chem_comp.id
_chem_comp.type
_chem_comp.name
_chem_comp.formula
GOL non-polymer GLYCEROL 'C3 H8 O3'
K non-polymer 'POTASSIUM ION' 'K 1'
XCH non-polymer Droxinostat 'C11 H14 Cl N O3'
ZN non-polymer 'ZINC ION' 'Zn 2'
#
# COMPACT_ATOMS: atom_id res chain seq x y z
N LEU A 14 -2.39 38.93 7.04
CA LEU A 14 -3.23 38.21 8.00
C LEU A 14 -3.84 36.95 7.40
N VAL A 15 -4.14 36.97 6.11
CA VAL A 15 -4.79 35.81 5.51
C VAL A 15 -3.76 34.69 5.31
N PRO A 16 -4.22 33.43 5.31
CA PRO A 16 -3.25 32.35 5.16
C PRO A 16 -2.55 32.39 3.80
N VAL A 17 -1.30 31.94 3.80
CA VAL A 17 -0.59 31.76 2.55
C VAL A 17 -0.87 30.38 1.98
N TYR A 18 -1.14 30.35 0.69
CA TYR A 18 -1.39 29.11 -0.05
C TYR A 18 -0.28 28.91 -1.08
N ILE A 19 0.58 27.92 -0.88
CA ILE A 19 1.68 27.71 -1.83
C ILE A 19 1.14 26.99 -3.06
N TYR A 20 1.18 27.66 -4.21
CA TYR A 20 0.55 27.14 -5.41
C TYR A 20 1.06 27.81 -6.65
N SER A 21 1.26 27.00 -7.70
CA SER A 21 1.22 27.46 -9.08
C SER A 21 0.80 26.29 -9.96
N PRO A 22 0.29 26.56 -11.18
CA PRO A 22 -0.02 25.44 -12.08
C PRO A 22 1.18 24.56 -12.36
N GLU A 23 2.35 25.20 -12.52
CA GLU A 23 3.58 24.46 -12.81
C GLU A 23 3.99 23.57 -11.64
N TYR A 24 3.81 24.08 -10.43
CA TYR A 24 4.15 23.30 -9.24
C TYR A 24 3.24 22.07 -9.12
N VAL A 25 1.94 22.26 -9.32
CA VAL A 25 1.01 21.13 -9.28
C VAL A 25 1.40 20.08 -10.32
N SER A 26 1.77 20.54 -11.52
N SER A 26 1.75 20.54 -11.53
CA SER A 26 2.15 19.60 -12.57
CA SER A 26 2.18 19.62 -12.58
C SER A 26 3.37 18.79 -12.17
C SER A 26 3.38 18.82 -12.12
N MET A 27 4.35 19.46 -11.55
N MET A 27 4.34 19.53 -11.51
CA MET A 27 5.54 18.77 -11.07
CA MET A 27 5.56 18.93 -11.00
C MET A 27 5.23 17.78 -9.96
C MET A 27 5.28 17.86 -9.95
N CYS A 28 4.39 18.19 -9.01
CA CYS A 28 4.03 17.29 -7.92
C CYS A 28 3.36 16.02 -8.43
N ASP A 29 2.50 16.16 -9.43
CA ASP A 29 1.80 14.99 -9.94
C ASP A 29 2.62 14.16 -10.90
N SER A 30 3.69 14.75 -11.45
CA SER A 30 4.39 14.14 -12.57
C SER A 30 5.06 12.84 -12.17
N LEU A 31 5.50 12.76 -10.91
CA LEU A 31 6.05 11.51 -10.39
C LEU A 31 5.43 11.13 -9.02
N ALA A 32 4.18 11.54 -8.79
CA ALA A 32 3.43 11.06 -7.63
C ALA A 32 3.05 9.58 -7.78
N LYS A 33 2.89 8.86 -6.67
CA LYS A 33 2.56 7.44 -6.72
C LYS A 33 1.20 7.22 -7.35
N ILE A 34 0.26 8.12 -7.08
CA ILE A 34 -1.04 8.11 -7.74
C ILE A 34 -1.25 9.41 -8.50
N PRO A 35 -1.39 9.32 -9.84
CA PRO A 35 -1.56 10.51 -10.68
C PRO A 35 -2.73 11.42 -10.29
N LYS A 36 -2.51 12.71 -10.54
CA LYS A 36 -3.48 13.79 -10.42
C LYS A 36 -3.93 14.17 -9.02
N ARG A 37 -3.28 13.64 -7.97
CA ARG A 37 -3.71 14.00 -6.62
C ARG A 37 -3.59 15.49 -6.35
N ALA A 38 -2.42 16.09 -6.68
CA ALA A 38 -2.28 17.50 -6.38
C ALA A 38 -3.27 18.35 -7.18
N GLU A 39 -3.51 17.95 -8.43
CA GLU A 39 -4.44 18.66 -9.30
C GLU A 39 -5.87 18.53 -8.74
N MET A 40 -6.21 17.36 -8.21
CA MET A 40 -7.58 17.19 -7.68
C MET A 40 -7.78 17.99 -6.40
N VAL A 41 -6.78 18.01 -5.53
CA VAL A 41 -6.85 18.77 -4.29
C VAL A 41 -7.04 20.25 -4.61
N HIS A 42 -6.17 20.80 -5.46
CA HIS A 42 -6.34 22.19 -5.82
C HIS A 42 -7.66 22.48 -6.52
N SER A 43 -8.10 21.57 -7.38
CA SER A 43 -9.32 21.79 -8.14
CA SER A 43 -9.33 21.75 -8.14
C SER A 43 -10.53 21.85 -7.21
N LEU A 44 -10.52 21.05 -6.13
CA LEU A 44 -11.65 21.13 -5.21
C LEU A 44 -11.59 22.42 -4.36
N ILE A 45 -10.39 22.79 -3.91
CA ILE A 45 -10.21 24.05 -3.19
C ILE A 45 -10.69 25.23 -4.04
N GLU A 46 -10.34 25.20 -5.32
CA GLU A 46 -10.77 26.23 -6.26
C GLU A 46 -12.30 26.23 -6.48
N ALA A 47 -12.89 25.03 -6.54
CA ALA A 47 -14.33 24.89 -6.77
C ALA A 47 -15.13 25.47 -5.62
N TYR A 48 -14.57 25.40 -4.42
CA TYR A 48 -15.19 26.02 -3.27
C TYR A 48 -14.76 27.50 -3.12
N ALA A 49 -13.97 27.99 -4.08
CA ALA A 49 -13.50 29.38 -4.12
C ALA A 49 -12.62 29.79 -2.92
N LEU A 50 -11.97 28.81 -2.29
CA LEU A 50 -11.19 29.10 -1.08
C LEU A 50 -9.90 29.85 -1.38
N HIS A 51 -9.39 29.69 -2.59
CA HIS A 51 -8.14 30.32 -2.96
C HIS A 51 -8.28 31.85 -3.02
N LYS A 52 -9.51 32.31 -3.25
CA LYS A 52 -9.82 33.74 -3.24
C LYS A 52 -9.70 34.34 -1.84
N GLN A 53 -9.69 33.49 -0.82
CA GLN A 53 -9.56 33.96 0.55
C GLN A 53 -8.16 33.75 1.13
N MET A 54 -7.23 33.34 0.27
CA MET A 54 -5.86 33.14 0.69
C MET A 54 -4.90 33.96 -0.15
N ARG A 55 -3.66 34.10 0.34
N ARG A 55 -3.67 34.12 0.33
CA ARG A 55 -2.59 34.77 -0.41
CA ARG A 55 -2.63 34.78 -0.44
C ARG A 55 -1.84 33.71 -1.19
C ARG A 55 -1.87 33.71 -1.19
N ILE A 56 -2.03 33.69 -2.50
CA ILE A 56 -1.43 32.68 -3.33
C ILE A 56 0.02 33.05 -3.58
N VAL A 57 0.95 32.15 -3.20
CA VAL A 57 2.36 32.39 -3.30
C VAL A 57 3.00 31.30 -4.15
N LYS A 58 3.69 31.71 -5.21
CA LYS A 58 4.40 30.77 -6.07
C LYS A 58 5.61 30.21 -5.32
N PRO A 59 5.80 28.88 -5.34
CA PRO A 59 6.94 28.33 -4.61
C PRO A 59 8.27 28.64 -5.30
N LYS A 60 9.31 28.89 -4.50
CA LYS A 60 10.67 28.94 -5.03
C LYS A 60 11.26 27.53 -4.99
N VAL A 61 12.04 27.14 -6.00
CA VAL A 61 12.68 25.82 -5.96
C VAL A 61 13.86 25.87 -4.96
N ALA A 62 14.09 24.78 -4.24
CA ALA A 62 15.16 24.72 -3.24
C ALA A 62 16.51 24.69 -3.93
N SER A 63 17.42 25.55 -3.46
CA SER A 63 18.80 25.50 -3.92
C SER A 63 19.51 24.28 -3.34
N MET A 64 20.65 23.94 -3.93
CA MET A 64 21.46 22.85 -3.40
C MET A 64 21.82 23.09 -1.95
N GLU A 65 22.24 24.31 -1.63
CA GLU A 65 22.63 24.63 -0.24
C GLU A 65 21.48 24.52 0.73
N GLU A 66 20.29 24.88 0.30
CA GLU A 66 19.09 24.72 1.13
C GLU A 66 18.79 23.25 1.39
N MET A 67 18.90 22.42 0.35
CA MET A 67 18.60 20.99 0.53
C MET A 67 19.66 20.36 1.44
N ALA A 68 20.88 20.87 1.37
CA ALA A 68 21.97 20.35 2.18
C ALA A 68 21.91 20.84 3.63
N THR A 69 20.93 21.67 3.99
CA THR A 69 20.76 21.95 5.42
C THR A 69 20.44 20.65 6.19
N PHE A 70 19.82 19.69 5.50
CA PHE A 70 19.60 18.35 6.07
C PHE A 70 20.32 17.23 5.31
N HIS A 71 20.18 17.21 3.99
CA HIS A 71 20.66 16.07 3.23
C HIS A 71 22.15 16.18 2.91
N THR A 72 22.81 15.03 2.86
CA THR A 72 24.25 15.02 2.57
C THR A 72 24.52 15.38 1.10
N ASP A 73 25.69 15.98 0.85
CA ASP A 73 26.05 16.34 -0.50
C ASP A 73 26.11 15.10 -1.39
N ALA A 74 26.61 14.01 -0.82
CA ALA A 74 26.75 12.77 -1.56
C ALA A 74 25.39 12.25 -2.00
N TYR A 75 24.40 12.30 -1.11
CA TYR A 75 23.07 11.82 -1.47
C TYR A 75 22.45 12.73 -2.54
N LEU A 76 22.54 14.04 -2.31
CA LEU A 76 21.98 15.00 -3.24
C LEU A 76 22.63 14.88 -4.62
N GLN A 77 23.95 14.70 -4.67
CA GLN A 77 24.63 14.57 -5.96
C GLN A 77 24.21 13.29 -6.67
N HIS A 78 24.00 12.21 -5.90
CA HIS A 78 23.54 10.96 -6.50
C HIS A 78 22.15 11.11 -7.09
N LEU A 79 21.23 11.71 -6.32
CA LEU A 79 19.88 11.97 -6.77
C LEU A 79 19.89 12.77 -8.07
N GLN A 80 20.75 13.78 -8.11
CA GLN A 80 20.89 14.63 -9.27
C GLN A 80 21.36 13.83 -10.48
N LYS A 81 22.35 12.96 -10.26
CA LYS A 81 22.89 12.15 -11.34
C LYS A 81 21.86 11.17 -11.93
N VAL A 82 21.15 10.41 -11.09
CA VAL A 82 20.27 9.40 -11.64
C VAL A 82 19.01 10.03 -12.23
N SER A 83 18.74 11.27 -11.80
CA SER A 83 17.58 12.00 -12.30
C SER A 83 17.79 12.45 -13.76
N GLN A 84 19.06 12.54 -14.16
CA GLN A 84 19.45 13.06 -15.47
C GLN A 84 18.79 12.33 -16.65
N GLU A 85 19.01 11.03 -16.74
CA GLU A 85 18.32 10.22 -17.75
C GLU A 85 17.65 9.00 -17.13
N HIS A 90 21.97 2.39 -11.60
CA HIS A 90 23.21 2.88 -11.04
C HIS A 90 23.61 2.04 -9.82
N PRO A 91 24.88 1.62 -9.74
CA PRO A 91 25.36 0.72 -8.69
C PRO A 91 25.21 1.28 -7.27
N ASP A 92 25.28 2.60 -7.12
CA ASP A 92 25.19 3.20 -5.79
C ASP A 92 23.76 3.38 -5.29
N SER A 93 22.78 3.22 -6.17
CA SER A 93 21.42 3.65 -5.84
C SER A 93 20.80 2.92 -4.65
N ILE A 94 21.12 1.63 -4.51
CA ILE A 94 20.60 0.86 -3.39
C ILE A 94 21.09 1.44 -2.07
N GLU A 95 22.35 1.87 -2.05
CA GLU A 95 22.93 2.52 -0.87
C GLU A 95 22.15 3.77 -0.48
N TYR A 96 21.53 4.42 -1.45
CA TYR A 96 20.82 5.65 -1.16
C TYR A 96 19.31 5.44 -1.07
N GLY A 97 18.87 4.19 -0.95
CA GLY A 97 17.46 3.91 -0.73
C GLY A 97 16.60 4.01 -1.98
N LEU A 98 17.26 3.99 -3.15
CA LEU A 98 16.54 4.13 -4.41
C LEU A 98 16.36 2.78 -5.09
N GLY A 99 15.24 2.60 -5.78
CA GLY A 99 15.07 1.42 -6.60
C GLY A 99 13.71 0.75 -6.54
N TYR A 100 13.08 0.76 -5.38
CA TYR A 100 11.80 0.08 -5.22
C TYR A 100 10.67 1.07 -5.04
N ASP A 101 10.34 1.39 -3.79
CA ASP A 101 9.25 2.33 -3.56
C ASP A 101 9.69 3.77 -3.86
N CYS A 102 11.00 3.98 -4.00
CA CYS A 102 11.55 5.26 -4.45
C CYS A 102 12.39 5.04 -5.71
N PRO A 103 11.73 4.91 -6.87
CA PRO A 103 12.40 4.61 -8.14
C PRO A 103 13.36 5.70 -8.58
N ALA A 104 14.46 5.31 -9.21
CA ALA A 104 15.44 6.26 -9.72
C ALA A 104 15.08 6.69 -11.14
N THR A 105 13.91 7.30 -11.30
CA THR A 105 13.46 7.69 -12.62
C THR A 105 13.83 9.12 -12.97
N GLU A 106 13.70 9.45 -14.24
CA GLU A 106 14.11 10.75 -14.74
C GLU A 106 13.32 11.88 -14.10
N GLY A 107 14.03 12.90 -13.65
CA GLY A 107 13.37 14.09 -13.14
C GLY A 107 13.12 14.11 -11.65
N ILE A 108 13.38 13.02 -10.94
CA ILE A 108 13.08 13.02 -9.51
C ILE A 108 13.78 14.13 -8.70
N PHE A 109 14.97 14.55 -9.13
CA PHE A 109 15.68 15.57 -8.37
C PHE A 109 14.94 16.93 -8.48
N ASP A 110 14.58 17.32 -9.69
CA ASP A 110 13.82 18.56 -9.84
C ASP A 110 12.47 18.52 -9.13
N TYR A 111 11.82 17.35 -9.18
N TYR A 111 11.83 17.36 -9.12
CA TYR A 111 10.58 17.10 -8.48
CA TYR A 111 10.52 17.27 -8.48
C TYR A 111 10.71 17.32 -6.98
C TYR A 111 10.67 17.31 -6.95
N ALA A 112 11.68 16.62 -6.41
CA ALA A 112 11.95 16.71 -4.98
C ALA A 112 12.36 18.13 -4.60
N ALA A 113 13.15 18.80 -5.43
CA ALA A 113 13.63 20.14 -5.12
C ALA A 113 12.44 21.14 -5.16
N ALA A 114 11.46 20.87 -6.03
CA ALA A 114 10.27 21.72 -6.06
C ALA A 114 9.45 21.58 -4.77
N ILE A 115 9.27 20.35 -4.29
CA ILE A 115 8.47 20.17 -3.07
C ILE A 115 9.24 20.69 -1.86
N GLY A 116 10.54 20.43 -1.80
CA GLY A 116 11.35 20.99 -0.73
C GLY A 116 11.30 22.51 -0.74
N GLY A 117 11.47 23.10 -1.93
CA GLY A 117 11.42 24.55 -2.05
C GLY A 117 10.08 25.14 -1.66
N ALA A 118 9.00 24.44 -1.98
CA ALA A 118 7.66 24.91 -1.61
C ALA A 118 7.50 24.99 -0.10
N THR A 119 7.99 23.98 0.61
CA THR A 119 7.88 24.00 2.07
C THR A 119 8.78 25.08 2.67
N ILE A 120 9.97 25.24 2.10
CA ILE A 120 10.87 26.30 2.57
C ILE A 120 10.23 27.68 2.30
N THR A 121 9.54 27.82 1.17
CA THR A 121 8.86 29.08 0.84
C THR A 121 7.77 29.39 1.87
N ALA A 122 6.98 28.37 2.22
CA ALA A 122 5.97 28.51 3.27
C ALA A 122 6.62 28.96 4.59
N ALA A 123 7.72 28.32 4.96
CA ALA A 123 8.43 28.69 6.17
C ALA A 123 8.94 30.12 6.13
N GLN A 124 9.44 30.53 4.98
CA GLN A 124 9.97 31.88 4.85
C GLN A 124 8.85 32.91 5.00
N CYS A 125 7.69 32.62 4.41
CA CYS A 125 6.51 33.49 4.58
C CYS A 125 6.18 33.67 6.05
N LEU A 126 6.29 32.60 6.84
CA LEU A 126 6.01 32.67 8.26
C LEU A 126 7.07 33.53 8.97
N ILE A 127 8.34 33.33 8.62
CA ILE A 127 9.42 34.12 9.21
C ILE A 127 9.21 35.61 8.94
N ASP A 128 8.80 35.91 7.71
CA ASP A 128 8.67 37.30 7.30
C ASP A 128 7.42 37.95 7.87
N GLY A 129 6.58 37.16 8.53
CA GLY A 129 5.37 37.70 9.13
C GLY A 129 4.28 38.01 8.12
N MET A 130 4.40 37.44 6.94
CA MET A 130 3.39 37.57 5.89
C MET A 130 2.01 37.03 6.33
N CYS A 131 2.03 36.07 7.25
CA CYS A 131 0.86 35.28 7.58
C CYS A 131 1.10 34.55 8.89
N LYS A 132 0.07 33.97 9.48
CA LYS A 132 0.27 33.10 10.65
C LYS A 132 0.14 31.62 10.28
N VAL A 133 -0.43 31.36 9.10
CA VAL A 133 -0.61 30.00 8.59
C VAL A 133 -0.15 29.98 7.13
N ALA A 134 0.73 29.03 6.78
CA ALA A 134 1.17 28.87 5.39
C ALA A 134 1.00 27.40 5.03
N ILE A 135 0.45 27.14 3.84
CA ILE A 135 0.00 25.79 3.46
C ILE A 135 0.76 25.25 2.25
N ASN A 136 1.35 24.06 2.39
CA ASN A 136 1.84 23.31 1.22
C ASN A 136 1.23 21.90 1.23
N TRP A 137 0.07 21.72 0.60
CA TRP A 137 -0.59 20.41 0.64
C TRP A 137 0.18 19.30 -0.07
N SER A 138 1.14 19.66 -0.93
CA SER A 138 1.95 18.65 -1.59
C SER A 138 3.23 18.28 -0.84
N GLY A 139 3.46 18.87 0.33
CA GLY A 139 4.62 18.50 1.15
C GLY A 139 4.23 17.45 2.21
N GLY A 140 5.14 17.27 3.16
CA GLY A 140 4.93 16.31 4.25
C GLY A 140 5.61 14.96 4.08
N TRP A 141 6.71 14.91 3.34
CA TRP A 141 7.39 13.63 3.03
C TRP A 141 8.35 13.24 4.14
N HIS A 142 7.74 12.71 5.19
CA HIS A 142 8.34 12.65 6.51
C HIS A 142 9.31 11.49 6.75
N HIS A 143 9.48 10.61 5.76
CA HIS A 143 10.36 9.44 5.96
C HIS A 143 11.81 9.61 5.49
N ALA A 144 12.08 10.57 4.59
CA ALA A 144 13.42 10.62 4.00
C ALA A 144 14.49 10.92 5.06
N LYS A 145 15.64 10.28 4.90
CA LYS A 145 16.76 10.42 5.84
C LYS A 145 17.79 11.36 5.26
N LYS A 146 18.78 11.76 6.06
CA LYS A 146 19.77 12.68 5.53
C LYS A 146 20.46 12.13 4.26
N ASP A 147 20.63 10.81 4.20
CA ASP A 147 21.42 10.20 3.13
C ASP A 147 20.73 9.02 2.47
N GLU A 148 19.41 8.97 2.56
CA GLU A 148 18.66 7.96 1.82
C GLU A 148 17.19 8.27 1.73
N ALA A 149 16.66 7.93 0.57
CA ALA A 149 15.24 7.89 0.32
C ALA A 149 14.60 6.79 1.15
N SER A 150 13.35 7.00 1.52
CA SER A 150 12.60 6.01 2.31
C SER A 150 11.09 6.23 2.23
N GLY A 151 10.30 5.15 2.14
CA GLY A 151 8.85 5.29 2.23
C GLY A 151 8.20 6.27 1.26
N PHE A 152 8.63 6.18 0.00
CA PHE A 152 8.16 7.03 -1.10
C PHE A 152 8.79 8.43 -1.06
N CYS A 153 9.64 8.72 -0.06
CA CYS A 153 10.13 10.07 0.16
C CYS A 153 11.55 10.22 -0.30
N TYR A 154 11.81 11.11 -1.28
CA TYR A 154 13.19 11.33 -1.71
C TYR A 154 13.90 12.40 -0.90
N LEU A 155 13.15 13.42 -0.50
CA LEU A 155 13.69 14.52 0.27
CA LEU A 155 13.69 14.53 0.26
C LEU A 155 12.74 14.81 1.42
N ASN A 156 13.28 15.19 2.56
CA ASN A 156 12.42 15.43 3.72
C ASN A 156 12.07 16.92 3.82
N ASP A 157 11.00 17.31 3.14
CA ASP A 157 10.65 18.72 3.11
C ASP A 157 10.23 19.21 4.47
N ALA A 158 9.63 18.34 5.30
CA ALA A 158 9.28 18.76 6.64
C ALA A 158 10.51 19.17 7.46
N VAL A 159 11.59 18.39 7.39
CA VAL A 159 12.82 18.81 8.05
C VAL A 159 13.34 20.12 7.47
N LEU A 160 13.28 20.25 6.15
CA LEU A 160 13.79 21.48 5.53
C LEU A 160 13.00 22.71 6.01
N GLY A 161 11.70 22.57 6.15
CA GLY A 161 10.88 23.64 6.65
C GLY A 161 11.22 23.98 8.10
N ILE A 162 11.41 22.96 8.92
CA ILE A 162 11.75 23.18 10.34
C ILE A 162 13.09 23.92 10.43
N LEU A 163 14.08 23.49 9.65
CA LEU A 163 15.37 24.17 9.67
C LEU A 163 15.29 25.63 9.18
N ARG A 164 14.40 25.92 8.23
CA ARG A 164 14.20 27.31 7.82
C ARG A 164 13.58 28.11 8.96
N LEU A 165 12.57 27.54 9.61
CA LEU A 165 11.96 28.21 10.76
C LEU A 165 12.95 28.47 11.89
N ARG A 166 13.94 27.61 12.07
CA ARG A 166 14.99 27.81 13.10
C ARG A 166 15.83 29.06 12.88
N ARG A 167 15.75 29.70 11.70
CA ARG A 167 16.45 30.97 11.52
C ARG A 167 15.87 32.03 12.42
N LYS A 168 14.62 31.83 12.82
CA LYS A 168 13.93 32.78 13.68
C LYS A 168 13.47 32.17 15.02
N PHE A 169 12.81 31.02 14.95
CA PHE A 169 12.13 30.50 16.14
C PHE A 169 13.02 29.55 16.93
N GLU A 170 13.07 29.75 18.25
N GLU A 170 13.03 29.75 18.25
CA GLU A 170 14.00 28.98 19.09
CA GLU A 170 13.94 29.01 19.11
C GLU A 170 13.46 27.61 19.49
C GLU A 170 13.45 27.63 19.47
N ARG A 171 12.14 27.44 19.46
CA ARG A 171 11.55 26.15 19.73
C ARG A 171 10.45 25.91 18.73
N ILE A 172 10.55 24.77 18.05
CA ILE A 172 9.56 24.40 17.05
CA ILE A 172 9.63 24.35 16.99
C ILE A 172 8.94 23.07 17.41
N LEU A 173 7.63 23.02 17.34
CA LEU A 173 6.88 21.79 17.57
C LEU A 173 6.49 21.19 16.23
N TYR A 174 6.86 19.94 15.99
CA TYR A 174 6.42 19.21 14.81
C TYR A 174 5.35 18.23 15.23
N VAL A 175 4.18 18.31 14.61
CA VAL A 175 3.05 17.40 14.95
C VAL A 175 2.70 16.62 13.69
N ASP A 176 2.71 15.30 13.79
CA ASP A 176 2.53 14.44 12.61
C ASP A 176 1.32 13.53 12.76
N LEU A 177 0.25 13.85 12.02
CA LEU A 177 -1.03 13.09 12.16
C LEU A 177 -1.27 12.15 11.00
N ASP A 178 -0.23 11.95 10.16
CA ASP A 178 -0.26 10.90 9.14
C ASP A 178 -0.48 9.53 9.80
N LEU A 179 -1.04 8.57 9.06
CA LEU A 179 -1.19 7.21 9.57
C LEU A 179 0.15 6.62 10.03
N HIS A 180 1.22 7.03 9.35
CA HIS A 180 2.57 6.44 9.58
C HIS A 180 3.43 7.26 10.52
N HIS A 181 4.32 6.58 11.23
CA HIS A 181 5.28 7.27 12.10
C HIS A 181 6.18 8.23 11.31
N GLY A 182 6.29 9.46 11.80
CA GLY A 182 7.18 10.45 11.19
C GLY A 182 8.63 10.22 11.58
N ASP A 183 9.18 9.06 11.20
CA ASP A 183 10.52 8.67 11.63
C ASP A 183 11.64 9.55 11.09
N GLY A 184 11.55 9.99 9.84
CA GLY A 184 12.64 10.78 9.29
C GLY A 184 12.78 12.10 10.01
N VAL A 185 11.65 12.73 10.32
CA VAL A 185 11.69 13.98 11.06
C VAL A 185 12.16 13.77 12.51
N GLU A 186 11.60 12.75 13.16
CA GLU A 186 12.01 12.44 14.52
C GLU A 186 13.51 12.17 14.58
N ASP A 187 14.00 11.34 13.67
CA ASP A 187 15.42 11.00 13.70
C ASP A 187 16.33 12.23 13.46
N ALA A 188 15.90 13.13 12.58
CA ALA A 188 16.65 14.36 12.29
C ALA A 188 16.87 15.16 13.55
N PHE A 189 15.88 15.16 14.45
CA PHE A 189 15.97 16.02 15.64
C PHE A 189 16.05 15.23 16.93
N SER A 190 16.41 13.96 16.80
CA SER A 190 16.42 13.04 17.94
CA SER A 190 16.32 13.11 17.98
C SER A 190 17.31 13.50 19.10
N PHE A 191 18.41 14.17 18.78
CA PHE A 191 19.39 14.55 19.79
C PHE A 191 19.31 16.00 20.24
N THR A 192 18.25 16.71 19.84
CA THR A 192 18.13 18.11 20.24
C THR A 192 16.82 18.44 20.93
N SER A 193 16.88 19.44 21.80
CA SER A 193 15.69 19.91 22.48
C SER A 193 15.09 21.16 21.83
N LYS A 194 15.69 21.65 20.74
CA LYS A 194 15.12 22.79 20.04
C LYS A 194 13.86 22.47 19.26
N VAL A 195 13.71 21.20 18.85
CA VAL A 195 12.56 20.76 18.08
C VAL A 195 11.97 19.57 18.79
N MET A 196 10.70 19.67 19.18
CA MET A 196 9.99 18.54 19.73
CA MET A 196 9.95 18.57 19.74
C MET A 196 9.15 17.90 18.64
N THR A 197 9.25 16.59 18.48
CA THR A 197 8.41 15.92 17.50
C THR A 197 7.31 15.12 18.22
N VAL A 198 6.10 15.16 17.67
CA VAL A 198 4.94 14.43 18.23
C VAL A 198 4.30 13.69 17.08
N SER A 199 4.20 12.37 17.16
CA SER A 199 3.59 11.59 16.07
C SER A 199 2.53 10.68 16.66
N LEU A 200 1.34 10.74 16.06
CA LEU A 200 0.23 9.78 16.32
C LEU A 200 0.22 8.89 15.12
N HIS A 201 0.28 7.58 15.31
CA HIS A 201 0.36 6.70 14.13
C HIS A 201 -0.02 5.29 14.44
N LYS A 202 -0.32 4.52 13.40
CA LYS A 202 -0.50 3.10 13.60
C LYS A 202 0.83 2.46 13.99
N PHE A 203 0.81 1.64 15.03
CA PHE A 203 2.01 0.96 15.48
C PHE A 203 1.66 -0.50 15.74
N SER A 204 2.21 -1.39 14.91
CA SER A 204 1.86 -2.81 14.96
C SER A 204 2.98 -3.55 14.29
N PRO A 205 3.42 -4.67 14.87
CA PRO A 205 4.54 -5.39 14.25
C PRO A 205 4.27 -5.76 12.78
N GLY A 206 5.17 -5.32 11.91
CA GLY A 206 5.00 -5.48 10.47
C GLY A 206 4.51 -4.23 9.73
N PHE A 207 4.06 -3.23 10.48
CA PHE A 207 3.46 -2.06 9.82
C PHE A 207 4.50 -0.95 9.70
N PHE A 208 4.63 -0.45 8.48
CA PHE A 208 5.68 0.52 8.16
C PHE A 208 5.62 1.78 8.99
N PRO A 209 6.78 2.33 9.42
CA PRO A 209 8.14 1.85 9.24
C PRO A 209 8.64 1.01 10.40
N GLY A 210 7.77 0.72 11.36
CA GLY A 210 8.09 -0.21 12.44
C GLY A 210 8.56 0.44 13.72
N THR A 211 8.80 1.75 13.64
CA THR A 211 9.30 2.53 14.76
C THR A 211 8.22 3.38 15.41
N GLY A 212 8.57 4.00 16.53
CA GLY A 212 7.67 4.93 17.17
C GLY A 212 6.76 4.30 18.22
N ASP A 213 7.33 3.43 19.04
CA ASP A 213 6.57 2.99 20.20
C ASP A 213 6.56 4.11 21.24
N VAL A 214 5.69 4.02 22.23
CA VAL A 214 5.62 5.09 23.23
C VAL A 214 6.93 5.24 24.01
N SER A 215 7.73 4.16 24.07
CA SER A 215 9.04 4.21 24.71
C SER A 215 10.13 4.95 23.94
N ASP A 216 9.84 5.27 22.67
CA ASP A 216 10.75 6.05 21.82
CA ASP A 216 10.82 6.03 21.90
C ASP A 216 10.60 7.50 22.24
N VAL A 217 11.60 8.03 22.96
CA VAL A 217 11.51 9.38 23.50
C VAL A 217 12.65 10.28 23.05
N GLY A 218 13.46 9.80 22.11
CA GLY A 218 14.63 10.58 21.68
C GLY A 218 15.86 10.18 22.48
N LEU A 219 16.99 10.84 22.18
CA LEU A 219 18.29 10.41 22.69
C LEU A 219 19.17 11.57 23.16
N GLY A 220 20.05 11.28 24.10
CA GLY A 220 21.00 12.28 24.56
C GLY A 220 20.33 13.54 25.06
N LYS A 221 20.79 14.68 24.57
CA LYS A 221 20.20 15.96 24.95
C LYS A 221 18.76 16.10 24.47
N GLY A 222 18.35 15.25 23.52
CA GLY A 222 17.01 15.28 23.03
C GLY A 222 16.07 14.32 23.74
N ARG A 223 16.56 13.63 24.77
N ARG A 223 16.57 13.65 24.77
CA ARG A 223 15.72 12.67 25.47
CA ARG A 223 15.73 12.72 25.52
C ARG A 223 14.51 13.38 26.06
C ARG A 223 14.49 13.43 26.03
N TYR A 224 13.35 12.80 25.79
CA TYR A 224 12.00 13.31 26.15
C TYR A 224 11.46 14.39 25.22
N TYR A 225 12.25 14.75 24.19
CA TYR A 225 11.77 15.69 23.16
C TYR A 225 11.30 14.99 21.86
N SER A 226 11.03 13.68 21.95
CA SER A 226 10.26 12.94 20.94
C SER A 226 9.09 12.30 21.66
N VAL A 227 7.90 12.48 21.11
CA VAL A 227 6.68 11.90 21.69
C VAL A 227 6.04 11.03 20.62
N ASN A 228 5.71 9.81 21.02
CA ASN A 228 5.07 8.86 20.09
C ASN A 228 3.84 8.24 20.71
N VAL A 229 2.74 8.25 19.95
CA VAL A 229 1.44 7.73 20.40
C VAL A 229 1.07 6.59 19.48
N PRO A 230 1.39 5.36 19.89
CA PRO A 230 1.06 4.18 19.08
C PRO A 230 -0.41 3.85 19.19
N ILE A 231 -1.08 3.73 18.03
CA ILE A 231 -2.52 3.57 17.97
C ILE A 231 -2.84 2.34 17.09
N GLN A 232 -3.91 1.62 17.42
CA GLN A 232 -4.32 0.44 16.64
C GLN A 232 -5.40 0.74 15.59
N ASP A 233 -5.62 -0.24 14.70
CA ASP A 233 -6.66 -0.10 13.67
C ASP A 233 -8.02 0.32 14.22
N GLY A 234 -8.74 1.12 13.42
CA GLY A 234 -10.16 1.30 13.64
C GLY A 234 -10.52 2.53 14.45
N ILE A 235 -9.51 3.33 14.82
CA ILE A 235 -9.82 4.51 15.64
C ILE A 235 -10.70 5.48 14.85
N GLN A 236 -11.69 6.04 15.54
CA GLN A 236 -12.60 7.05 14.95
C GLN A 236 -12.43 8.41 15.64
N ASP A 237 -13.17 9.41 15.15
CA ASP A 237 -12.92 10.81 15.47
C ASP A 237 -12.87 11.16 16.96
N GLU A 238 -13.85 10.69 17.73
CA GLU A 238 -13.98 11.14 19.11
C GLU A 238 -12.78 10.69 19.94
N LYS A 239 -12.47 9.40 19.85
CA LYS A 239 -11.36 8.85 20.61
C LYS A 239 -10.01 9.44 20.14
N TYR A 240 -9.86 9.60 18.84
CA TYR A 240 -8.63 10.19 18.32
C TYR A 240 -8.43 11.59 18.85
N TYR A 241 -9.50 12.40 18.80
CA TYR A 241 -9.36 13.78 19.29
C TYR A 241 -9.05 13.81 20.78
N GLN A 242 -9.70 12.94 21.56
CA GLN A 242 -9.42 12.86 22.98
C GLN A 242 -7.94 12.63 23.24
N ILE A 243 -7.34 11.70 22.49
CA ILE A 243 -5.93 11.37 22.60
C ILE A 243 -5.06 12.57 22.19
N CYS A 244 -5.34 13.09 21.00
CA CYS A 244 -4.57 14.20 20.47
C CYS A 244 -4.63 15.43 21.38
N GLU A 245 -5.82 15.81 21.82
CA GLU A 245 -5.93 16.97 22.69
C GLU A 245 -5.18 16.78 24.02
N SER A 246 -5.28 15.59 24.59
CA SER A 246 -4.59 15.29 25.85
CA SER A 246 -4.59 15.30 25.84
CA SER A 246 -4.58 15.28 25.85
C SER A 246 -3.07 15.45 25.70
N VAL A 247 -2.53 14.90 24.62
CA VAL A 247 -1.09 14.97 24.40
C VAL A 247 -0.67 16.40 24.08
N LEU A 248 -1.39 17.06 23.18
CA LEU A 248 -0.94 18.39 22.78
C LEU A 248 -1.08 19.42 23.91
N LYS A 249 -2.08 19.24 24.78
CA LYS A 249 -2.20 20.11 25.94
C LYS A 249 -0.94 20.02 26.82
N GLU A 250 -0.49 18.80 27.09
CA GLU A 250 0.69 18.57 27.92
C GLU A 250 1.95 19.06 27.22
N VAL A 251 2.06 18.80 25.93
CA VAL A 251 3.21 19.24 25.15
C VAL A 251 3.29 20.76 25.14
N TYR A 252 2.16 21.42 24.90
CA TYR A 252 2.18 22.88 24.81
C TYR A 252 2.64 23.51 26.12
N GLN A 253 2.13 22.96 27.22
CA GLN A 253 2.48 23.45 28.53
C GLN A 253 3.95 23.18 28.89
N ALA A 254 4.46 22.01 28.53
CA ALA A 254 5.83 21.65 28.88
C ALA A 254 6.88 22.34 27.99
N PHE A 255 6.58 22.44 26.70
CA PHE A 255 7.58 22.82 25.70
C PHE A 255 7.47 24.30 25.29
N ASN A 256 6.29 24.90 25.39
CA ASN A 256 6.08 26.30 25.00
C ASN A 256 6.65 26.63 23.61
N PRO A 257 6.14 25.96 22.57
CA PRO A 257 6.70 26.15 21.23
C PRO A 257 6.53 27.58 20.71
N LYS A 258 7.42 28.01 19.82
CA LYS A 258 7.33 29.33 19.21
C LYS A 258 6.75 29.27 17.80
N ALA A 259 6.75 28.07 17.21
CA ALA A 259 6.19 27.84 15.86
C ALA A 259 5.84 26.39 15.76
N VAL A 260 4.95 26.06 14.82
CA VAL A 260 4.47 24.70 14.65
C VAL A 260 4.57 24.28 13.20
N VAL A 261 4.97 23.04 12.98
CA VAL A 261 4.85 22.42 11.66
C VAL A 261 3.93 21.22 11.83
N LEU A 262 2.87 21.16 11.01
CA LEU A 262 1.79 20.17 11.19
C LEU A 262 1.61 19.37 9.92
N GLN A 263 1.85 18.06 10.00
CA GLN A 263 1.72 17.11 8.88
C GLN A 263 0.37 16.43 9.00
N LEU A 264 -0.44 16.55 7.94
CA LEU A 264 -1.85 16.11 8.00
C LEU A 264 -2.15 15.07 6.92
N GLY A 265 -1.25 14.11 6.77
CA GLY A 265 -1.50 13.00 5.85
C GLY A 265 -2.89 12.41 5.98
N ALA A 266 -3.60 12.27 4.85
CA ALA A 266 -5.01 11.82 4.84
C ALA A 266 -5.18 10.31 4.71
N ASP A 267 -4.09 9.55 4.94
CA ASP A 267 -4.21 8.10 4.89
C ASP A 267 -4.77 7.49 6.19
N THR A 268 -5.21 8.35 7.10
CA THR A 268 -5.99 7.95 8.28
C THR A 268 -7.49 7.88 7.98
N ILE A 269 -7.90 8.45 6.85
CA ILE A 269 -9.31 8.72 6.61
C ILE A 269 -10.03 7.47 6.09
N ALA A 270 -11.20 7.19 6.64
CA ALA A 270 -12.03 6.09 6.16
C ALA A 270 -12.07 6.03 4.64
N GLY A 271 -11.89 4.82 4.09
CA GLY A 271 -11.92 4.61 2.64
C GLY A 271 -10.54 4.66 1.99
N ASP A 272 -9.50 4.98 2.77
CA ASP A 272 -8.15 4.89 2.21
C ASP A 272 -7.78 3.43 1.97
N PRO A 273 -7.07 3.15 0.87
CA PRO A 273 -6.57 1.79 0.64
C PRO A 273 -5.80 1.20 1.84
N MET A 274 -5.15 2.04 2.65
CA MET A 274 -4.45 1.54 3.83
C MET A 274 -5.39 0.82 4.82
N CYS A 275 -6.66 1.22 4.79
CA CYS A 275 -7.73 0.55 5.55
C CYS A 275 -7.32 0.20 6.97
N SER A 276 -6.83 1.23 7.66
CA SER A 276 -6.29 1.06 9.01
CA SER A 276 -6.29 1.08 9.01
C SER A 276 -7.10 1.89 10.01
N PHE A 277 -6.84 3.20 10.06
CA PHE A 277 -7.70 4.04 10.93
C PHE A 277 -9.06 4.26 10.26
N ASN A 278 -9.98 4.90 10.98
CA ASN A 278 -11.35 5.04 10.49
C ASN A 278 -11.81 6.46 10.79
N MET A 279 -10.94 7.42 10.46
CA MET A 279 -11.19 8.83 10.73
C MET A 279 -12.00 9.54 9.67
N THR A 280 -12.57 10.68 10.04
CA THR A 280 -13.10 11.58 9.03
C THR A 280 -12.39 12.92 9.13
N PRO A 281 -12.51 13.77 8.09
CA PRO A 281 -11.82 15.06 8.17
C PRO A 281 -12.30 15.93 9.34
N VAL A 282 -13.51 15.71 9.83
CA VAL A 282 -13.99 16.49 10.96
C VAL A 282 -13.15 16.21 12.22
N GLY A 283 -12.75 14.96 12.44
CA GLY A 283 -11.92 14.63 13.61
C GLY A 283 -10.53 15.23 13.50
N ILE A 284 -9.93 15.09 12.34
CA ILE A 284 -8.64 15.72 12.10
C ILE A 284 -8.76 17.25 12.24
N GLY A 285 -9.87 17.80 11.75
CA GLY A 285 -10.13 19.24 11.87
C GLY A 285 -10.18 19.76 13.28
N LYS A 286 -10.73 18.96 14.21
CA LYS A 286 -10.73 19.37 15.60
C LYS A 286 -9.31 19.46 16.13
N CYS A 287 -8.45 18.52 15.72
CA CYS A 287 -7.05 18.57 16.12
C CYS A 287 -6.38 19.83 15.60
N LEU A 288 -6.65 20.09 14.33
CA LEU A 288 -6.13 21.29 13.69
C LEU A 288 -6.60 22.57 14.40
N LYS A 289 -7.90 22.64 14.73
CA LYS A 289 -8.42 23.81 15.44
C LYS A 289 -7.72 24.04 16.76
N TYR A 290 -7.45 22.95 17.48
CA TYR A 290 -6.77 23.05 18.79
C TYR A 290 -5.38 23.68 18.64
N ILE A 291 -4.67 23.28 17.60
CA ILE A 291 -3.34 23.85 17.34
C ILE A 291 -3.46 25.31 16.87
N LEU A 292 -4.43 25.59 16.01
CA LEU A 292 -4.60 26.95 15.51
C LEU A 292 -4.92 27.93 16.63
N GLN A 293 -5.62 27.49 17.68
CA GLN A 293 -5.99 28.45 18.71
C GLN A 293 -4.78 28.90 19.56
N TRP A 294 -3.64 28.21 19.41
CA TRP A 294 -2.39 28.72 20.00
C TRP A 294 -1.91 30.03 19.36
N GLN A 295 -2.39 30.31 18.15
CA GLN A 295 -2.04 31.54 17.44
C GLN A 295 -0.54 31.69 17.23
N LEU A 296 0.11 30.59 16.87
CA LEU A 296 1.52 30.58 16.53
C LEU A 296 1.69 30.47 15.02
N ALA A 297 2.83 30.94 14.51
CA ALA A 297 3.22 30.60 13.15
C ALA A 297 3.11 29.10 12.90
N THR A 298 2.31 28.72 11.90
CA THR A 298 1.98 27.32 11.68
C THR A 298 2.15 26.99 10.20
N LEU A 299 3.02 26.01 9.94
CA LEU A 299 3.26 25.50 8.59
C LEU A 299 2.46 24.21 8.41
N ILE A 300 1.54 24.22 7.45
CA ILE A 300 0.61 23.12 7.22
C ILE A 300 1.09 22.28 6.04
N LEU A 301 1.23 20.98 6.25
CA LEU A 301 1.68 20.07 5.18
C LEU A 301 0.69 18.94 4.96
N GLY A 302 0.70 18.38 3.76
CA GLY A 302 0.01 17.13 3.50
C GLY A 302 0.80 15.89 3.90
N GLY A 303 0.71 14.84 3.09
CA GLY A 303 1.50 13.63 3.32
C GLY A 303 0.83 12.49 2.58
N GLY A 304 0.71 11.33 3.23
CA GLY A 304 0.04 10.21 2.60
C GLY A 304 -1.43 10.53 2.33
N GLY A 305 -2.08 9.63 1.59
CA GLY A 305 -3.48 9.81 1.20
C GLY A 305 -3.64 9.19 -0.16
N TYR A 306 -4.30 8.04 -0.21
CA TYR A 306 -4.29 7.19 -1.40
C TYR A 306 -5.66 6.93 -2.01
N ASN A 307 -6.68 7.52 -1.41
CA ASN A 307 -8.00 7.61 -2.01
C ASN A 307 -8.07 9.06 -2.51
N LEU A 308 -8.02 9.25 -3.83
CA LEU A 308 -7.80 10.60 -4.32
C LEU A 308 -8.94 11.56 -3.96
N ALA A 309 -10.17 11.15 -4.22
CA ALA A 309 -11.30 12.02 -3.91
C ALA A 309 -11.39 12.28 -2.40
N ASN A 310 -11.13 11.27 -1.56
CA ASN A 310 -11.18 11.53 -0.13
C ASN A 310 -10.07 12.41 0.39
N THR A 311 -8.88 12.29 -0.22
CA THR A 311 -7.77 13.16 0.16
C THR A 311 -8.11 14.61 -0.21
N ALA A 312 -8.69 14.81 -1.41
CA ALA A 312 -9.14 16.15 -1.75
C ALA A 312 -10.23 16.63 -0.80
N ARG A 313 -11.20 15.77 -0.48
CA ARG A 313 -12.26 16.13 0.48
C ARG A 313 -11.63 16.60 1.80
N CYS A 314 -10.66 15.82 2.26
CA CYS A 314 -10.08 16.08 3.55
C CYS A 314 -9.33 17.41 3.59
N TRP A 315 -8.42 17.59 2.63
CA TRP A 315 -7.58 18.79 2.68
C TRP A 315 -8.39 20.02 2.30
N THR A 316 -9.43 19.86 1.50
CA THR A 316 -10.31 21.00 1.22
C THR A 316 -11.09 21.39 2.48
N TYR A 317 -11.66 20.40 3.16
CA TYR A 317 -12.33 20.69 4.42
C TYR A 317 -11.39 21.37 5.43
N LEU A 318 -10.15 20.88 5.54
CA LEU A 318 -9.20 21.47 6.49
C LEU A 318 -8.79 22.88 6.08
N THR A 319 -8.74 23.14 4.78
CA THR A 319 -8.52 24.51 4.33
C THR A 319 -9.69 25.41 4.79
N GLY A 320 -10.90 24.88 4.72
CA GLY A 320 -12.04 25.63 5.22
C GLY A 320 -11.92 25.90 6.72
N VAL A 321 -11.43 24.91 7.46
CA VAL A 321 -11.23 25.09 8.90
C VAL A 321 -10.22 26.21 9.16
N ILE A 322 -9.14 26.23 8.40
CA ILE A 322 -8.12 27.27 8.53
C ILE A 322 -8.72 28.65 8.27
N LEU A 323 -9.65 28.70 7.33
CA LEU A 323 -10.32 29.96 6.96
C LEU A 323 -11.55 30.30 7.80
N GLY A 324 -11.93 29.40 8.71
CA GLY A 324 -13.11 29.60 9.53
C GLY A 324 -14.41 29.57 8.73
N LYS A 325 -14.43 28.80 7.66
CA LYS A 325 -15.56 28.80 6.74
C LYS A 325 -16.33 27.49 6.82
N THR A 326 -17.64 27.56 6.66
CA THR A 326 -18.44 26.36 6.53
C THR A 326 -18.70 26.12 5.05
N LEU A 327 -18.25 24.97 4.56
CA LEU A 327 -18.42 24.60 3.16
C LEU A 327 -19.73 23.88 2.91
N SER A 328 -20.30 24.10 1.73
CA SER A 328 -21.47 23.31 1.35
C SER A 328 -21.13 21.84 1.33
N SER A 329 -22.11 21.03 1.73
CA SER A 329 -21.96 19.57 1.71
CA SER A 329 -21.95 19.58 1.70
C SER A 329 -21.93 19.01 0.29
N GLU A 330 -22.56 19.71 -0.64
CA GLU A 330 -22.59 19.26 -2.02
C GLU A 330 -21.25 19.57 -2.73
N ILE A 331 -20.62 18.56 -3.31
CA ILE A 331 -19.39 18.79 -4.09
C ILE A 331 -19.74 19.68 -5.29
N PRO A 332 -19.08 20.83 -5.43
CA PRO A 332 -19.44 21.72 -6.54
C PRO A 332 -19.12 21.13 -7.89
N ASP A 333 -19.84 21.60 -8.90
CA ASP A 333 -19.53 21.22 -10.27
C ASP A 333 -18.15 21.75 -10.64
N HIS A 334 -17.28 20.84 -11.03
CA HIS A 334 -15.91 21.19 -11.43
C HIS A 334 -15.32 20.05 -12.22
N GLU A 335 -14.05 20.18 -12.61
CA GLU A 335 -13.41 19.20 -13.47
C GLU A 335 -13.59 17.75 -13.01
N PHE A 336 -13.44 17.52 -11.70
CA PHE A 336 -13.34 16.16 -11.20
C PHE A 336 -14.60 15.71 -10.48
N PHE A 337 -15.71 16.40 -10.72
CA PHE A 337 -16.95 16.07 -10.01
C PHE A 337 -17.27 14.57 -10.12
N THR A 338 -17.06 13.98 -11.29
CA THR A 338 -17.48 12.60 -11.46
C THR A 338 -16.66 11.61 -10.62
N ALA A 339 -15.58 12.09 -10.00
CA ALA A 339 -14.76 11.25 -9.12
C ALA A 339 -15.33 11.11 -7.71
N TYR A 340 -16.40 11.85 -7.40
CA TYR A 340 -16.86 11.95 -6.01
C TYR A 340 -18.05 11.07 -5.70
N GLY A 341 -18.27 10.04 -6.52
CA GLY A 341 -19.37 9.10 -6.32
C GLY A 341 -19.02 8.09 -5.25
N PRO A 342 -20.03 7.38 -4.75
CA PRO A 342 -21.40 7.40 -5.28
C PRO A 342 -22.33 8.49 -4.69
N ASP A 343 -21.81 9.27 -3.75
CA ASP A 343 -22.59 10.17 -2.93
C ASP A 343 -22.50 11.67 -3.33
N TYR A 344 -21.34 12.04 -3.86
CA TYR A 344 -21.07 13.41 -4.34
C TYR A 344 -21.27 14.46 -3.25
N VAL A 345 -20.93 14.10 -2.02
CA VAL A 345 -20.92 15.07 -0.92
C VAL A 345 -19.54 15.14 -0.29
N LEU A 346 -19.31 16.18 0.52
CA LEU A 346 -18.01 16.44 1.12
C LEU A 346 -17.70 15.54 2.32
N GLU A 347 -18.75 15.18 3.05
CA GLU A 347 -18.58 14.35 4.25
C GLU A 347 -18.19 12.93 3.92
N ILE A 348 -17.38 12.34 4.79
CA ILE A 348 -16.97 10.94 4.66
C ILE A 348 -17.55 10.12 5.79
N THR A 349 -18.20 9.02 5.43
CA THR A 349 -18.82 8.12 6.41
C THR A 349 -17.81 7.08 6.89
N PRO A 350 -17.66 6.89 8.21
CA PRO A 350 -16.74 5.83 8.67
C PRO A 350 -17.16 4.45 8.19
N SER A 351 -16.15 3.59 8.00
CA SER A 351 -16.41 2.20 7.62
C SER A 351 -16.99 1.47 8.80
N CYS A 352 -17.75 0.43 8.52
CA CYS A 352 -18.31 -0.40 9.57
CA CYS A 352 -18.31 -0.40 9.57
C CYS A 352 -17.31 -1.49 9.95
N ARG A 353 -16.25 -1.10 10.66
CA ARG A 353 -15.34 -2.11 11.21
C ARG A 353 -14.90 -1.70 12.62
N PRO A 354 -14.36 -2.64 13.39
CA PRO A 354 -14.14 -2.42 14.83
C PRO A 354 -13.01 -1.48 15.15
N ASP A 355 -13.16 -0.78 16.27
CA ASP A 355 -12.07 -0.02 16.89
C ASP A 355 -11.30 -0.98 17.76
N ARG A 356 -10.04 -1.22 17.40
CA ARG A 356 -9.21 -2.18 18.13
CA ARG A 356 -9.19 -2.17 18.12
C ARG A 356 -8.43 -1.55 19.29
N ASN A 357 -8.72 -0.30 19.61
CA ASN A 357 -8.00 0.37 20.71
C ASN A 357 -8.65 0.19 22.05
N GLU A 358 -7.95 -0.55 22.92
CA GLU A 358 -8.46 -0.77 24.28
C GLU A 358 -8.30 0.49 25.12
N PRO A 359 -9.38 0.98 25.72
CA PRO A 359 -9.25 2.25 26.43
C PRO A 359 -8.17 2.25 27.52
N HIS A 360 -7.95 1.14 28.22
CA HIS A 360 -6.92 1.15 29.25
C HIS A 360 -5.52 1.17 28.66
N ARG A 361 -5.37 0.63 27.46
CA ARG A 361 -4.09 0.68 26.76
C ARG A 361 -3.80 2.14 26.38
N ILE A 362 -4.82 2.81 25.86
CA ILE A 362 -4.67 4.20 25.48
C ILE A 362 -4.35 5.06 26.71
N GLN A 363 -5.02 4.80 27.83
CA GLN A 363 -4.75 5.59 29.02
C GLN A 363 -3.34 5.32 29.53
N GLN A 364 -2.89 4.08 29.42
CA GLN A 364 -1.53 3.74 29.83
C GLN A 364 -0.50 4.54 29.01
N ILE A 365 -0.75 4.63 27.71
CA ILE A 365 0.12 5.37 26.81
C ILE A 365 0.13 6.84 27.20
N LEU A 366 -1.05 7.40 27.43
CA LEU A 366 -1.12 8.80 27.89
C LEU A 366 -0.39 9.00 29.21
N ASN A 367 -0.54 8.07 30.16
CA ASN A 367 0.15 8.19 31.43
C ASN A 367 1.67 8.21 31.23
N TYR A 368 2.17 7.36 30.33
CA TYR A 368 3.60 7.30 30.04
CA TYR A 368 3.61 7.32 30.06
C TYR A 368 4.08 8.64 29.52
N ILE A 369 3.34 9.17 28.57
CA ILE A 369 3.66 10.44 27.91
CA ILE A 369 3.71 10.42 27.92
C ILE A 369 3.69 11.57 28.91
N LYS A 370 2.69 11.60 29.78
CA LYS A 370 2.64 12.62 30.82
C LYS A 370 3.90 12.56 31.70
N GLY A 371 4.31 11.33 32.05
CA GLY A 371 5.50 11.14 32.86
C GLY A 371 6.76 11.59 32.13
N ASN A 372 6.80 11.34 30.83
CA ASN A 372 7.98 11.74 30.06
C ASN A 372 8.08 13.25 30.00
N LEU A 373 6.95 13.92 29.82
CA LEU A 373 6.94 15.35 29.59
C LEU A 373 7.22 16.12 30.88
N LYS A 374 7.11 15.46 32.03
CA LYS A 374 7.57 16.07 33.28
C LYS A 374 9.05 16.43 33.23
N HIS A 375 9.82 15.68 32.45
CA HIS A 375 11.24 15.92 32.34
C HIS A 375 11.58 17.11 31.45
N VAL A 376 10.64 17.51 30.60
CA VAL A 376 10.87 18.61 29.66
C VAL A 376 10.89 19.92 30.45
N VAL A 377 12.08 20.52 30.52
CA VAL A 377 12.32 21.70 31.36
C VAL A 377 12.88 22.83 30.52
N ILE A 378 12.00 23.74 30.10
CA ILE A 378 12.36 24.84 29.18
C ILE A 378 13.40 25.79 29.78
N LEU B 14 8.01 -36.98 -15.35
CA LEU B 14 6.96 -35.98 -15.27
C LEU B 14 7.40 -34.76 -14.48
N VAL B 15 8.40 -34.03 -14.97
CA VAL B 15 8.91 -32.89 -14.21
C VAL B 15 8.04 -31.66 -14.51
N PRO B 16 7.98 -30.73 -13.56
CA PRO B 16 7.14 -29.55 -13.79
C PRO B 16 7.69 -28.65 -14.88
N VAL B 17 6.80 -27.92 -15.55
CA VAL B 17 7.21 -26.89 -16.49
C VAL B 17 7.37 -25.56 -15.72
N TYR B 18 8.49 -24.89 -16.02
CA TYR B 18 8.79 -23.57 -15.48
C TYR B 18 8.78 -22.56 -16.62
N ILE B 19 7.81 -21.66 -16.64
CA ILE B 19 7.76 -20.67 -17.72
C ILE B 19 8.78 -19.59 -17.44
N TYR B 20 9.80 -19.48 -18.30
CA TYR B 20 10.89 -18.56 -18.06
C TYR B 20 11.65 -18.25 -19.35
N SER B 21 12.04 -16.99 -19.49
CA SER B 21 13.16 -16.60 -20.33
C SER B 21 13.69 -15.29 -19.78
N PRO B 22 14.95 -14.95 -20.10
CA PRO B 22 15.47 -13.65 -19.67
C PRO B 22 14.61 -12.50 -20.19
N GLU B 23 14.17 -12.59 -21.44
CA GLU B 23 13.38 -11.54 -22.06
C GLU B 23 12.05 -11.37 -21.33
N TYR B 24 11.46 -12.48 -20.92
CA TYR B 24 10.19 -12.46 -20.22
C TYR B 24 10.34 -11.81 -18.87
N VAL B 25 11.39 -12.19 -18.14
CA VAL B 25 11.63 -11.60 -16.83
C VAL B 25 11.88 -10.11 -16.96
N SER B 26 12.67 -9.72 -17.96
CA SER B 26 12.89 -8.30 -18.21
CA SER B 26 12.90 -8.30 -18.26
C SER B 26 11.59 -7.56 -18.50
N MET B 27 10.71 -8.14 -19.30
CA MET B 27 9.43 -7.51 -19.61
C MET B 27 8.55 -7.39 -18.35
N CYS B 28 8.53 -8.43 -17.52
CA CYS B 28 7.73 -8.40 -16.29
C CYS B 28 8.21 -7.32 -15.33
N ASP B 29 9.49 -7.03 -15.38
CA ASP B 29 10.04 -5.96 -14.57
C ASP B 29 10.17 -4.62 -15.31
N SER B 30 9.61 -4.50 -16.51
CA SER B 30 9.79 -3.29 -17.30
C SER B 30 8.80 -2.22 -16.84
N LEU B 31 8.07 -2.57 -15.78
CA LEU B 31 6.87 -1.88 -15.38
C LEU B 31 6.36 -2.41 -14.04
N PRO B 35 8.94 -3.59 -8.78
CA PRO B 35 10.17 -3.34 -9.53
C PRO B 35 11.26 -4.38 -9.23
N LYS B 36 11.72 -5.05 -10.28
CA LYS B 36 12.73 -6.11 -10.19
C LYS B 36 12.22 -7.35 -9.45
N ARG B 37 10.92 -7.45 -9.18
CA ARG B 37 10.45 -8.61 -8.43
C ARG B 37 10.66 -9.91 -9.21
N ALA B 38 10.33 -9.91 -10.51
CA ALA B 38 10.43 -11.15 -11.27
C ALA B 38 11.88 -11.63 -11.31
N GLU B 39 12.83 -10.71 -11.46
CA GLU B 39 14.25 -11.06 -11.47
C GLU B 39 14.69 -11.65 -10.15
N MET B 40 14.20 -11.10 -9.06
CA MET B 40 14.59 -11.62 -7.75
C MET B 40 14.03 -13.00 -7.51
N VAL B 41 12.78 -13.22 -7.91
CA VAL B 41 12.17 -14.53 -7.73
C VAL B 41 12.95 -15.56 -8.53
N HIS B 42 13.20 -15.27 -9.80
CA HIS B 42 13.93 -16.22 -10.61
C HIS B 42 15.34 -16.44 -10.07
N SER B 43 15.99 -15.35 -9.65
CA SER B 43 17.37 -15.46 -9.17
C SER B 43 17.50 -16.37 -7.94
N LEU B 44 16.51 -16.33 -7.05
CA LEU B 44 16.59 -17.18 -5.86
C LEU B 44 16.32 -18.62 -6.24
N ILE B 45 15.32 -18.85 -7.11
CA ILE B 45 15.06 -20.20 -7.62
C ILE B 45 16.32 -20.80 -8.27
N GLU B 46 17.02 -19.98 -9.07
CA GLU B 46 18.27 -20.40 -9.70
C GLU B 46 19.40 -20.67 -8.68
N ALA B 47 19.45 -19.86 -7.63
CA ALA B 47 20.46 -19.98 -6.58
C ALA B 47 20.34 -21.32 -5.85
N TYR B 48 19.10 -21.77 -5.70
CA TYR B 48 18.82 -23.08 -5.12
C TYR B 48 18.87 -24.21 -6.17
N ALA B 49 19.23 -23.86 -7.40
CA ALA B 49 19.37 -24.80 -8.52
C ALA B 49 18.08 -25.55 -8.86
N LEU B 50 16.93 -24.98 -8.53
CA LEU B 50 15.67 -25.67 -8.77
C LEU B 50 15.29 -25.71 -10.25
N HIS B 51 15.79 -24.74 -11.02
CA HIS B 51 15.47 -24.71 -12.44
C HIS B 51 16.06 -25.92 -13.18
N LYS B 52 17.15 -26.47 -12.64
CA LYS B 52 17.78 -27.67 -13.19
C LYS B 52 16.87 -28.89 -13.05
N GLN B 53 15.87 -28.79 -12.19
CA GLN B 53 14.95 -29.90 -11.96
C GLN B 53 13.61 -29.69 -12.66
N MET B 54 13.49 -28.64 -13.46
CA MET B 54 12.25 -28.37 -14.18
C MET B 54 12.48 -28.27 -15.67
N ARG B 55 11.39 -28.35 -16.43
CA ARG B 55 11.45 -28.18 -17.87
C ARG B 55 11.22 -26.70 -18.16
N ILE B 56 12.29 -26.01 -18.54
CA ILE B 56 12.22 -24.58 -18.77
C ILE B 56 11.61 -24.32 -20.14
N VAL B 57 10.51 -23.56 -20.15
CA VAL B 57 9.77 -23.31 -21.38
C VAL B 57 9.65 -21.80 -21.62
N LYS B 58 10.11 -21.35 -22.78
CA LYS B 58 9.99 -19.94 -23.14
C LYS B 58 8.53 -19.61 -23.41
N PRO B 59 8.02 -18.51 -22.82
CA PRO B 59 6.61 -18.18 -23.07
C PRO B 59 6.40 -17.55 -24.43
N LYS B 60 5.25 -17.82 -25.04
CA LYS B 60 4.86 -17.11 -26.26
C LYS B 60 4.19 -15.82 -25.81
N VAL B 61 4.26 -14.79 -26.64
CA VAL B 61 3.53 -13.54 -26.38
C VAL B 61 2.11 -13.74 -26.89
N ALA B 62 1.11 -13.36 -26.10
CA ALA B 62 -0.30 -13.53 -26.53
C ALA B 62 -0.62 -12.63 -27.73
N SER B 63 -1.32 -13.20 -28.69
CA SER B 63 -1.89 -12.44 -29.81
C SER B 63 -3.15 -11.68 -29.37
N MET B 64 -3.59 -10.73 -30.19
CA MET B 64 -4.87 -10.06 -29.93
C MET B 64 -6.01 -11.05 -29.81
N GLU B 65 -6.04 -12.01 -30.73
CA GLU B 65 -7.11 -13.02 -30.73
C GLU B 65 -7.11 -13.83 -29.45
N GLU B 66 -5.92 -14.16 -28.93
CA GLU B 66 -5.84 -14.90 -27.68
C GLU B 66 -6.33 -14.06 -26.53
N MET B 67 -5.92 -12.79 -26.48
CA MET B 67 -6.35 -11.94 -25.36
C MET B 67 -7.86 -11.71 -25.43
N ALA B 68 -8.40 -11.77 -26.65
CA ALA B 68 -9.81 -11.51 -26.86
C ALA B 68 -10.70 -12.70 -26.49
N THR B 69 -10.12 -13.84 -26.14
CA THR B 69 -10.97 -14.92 -25.58
C THR B 69 -11.70 -14.42 -24.32
N PHE B 70 -11.12 -13.44 -23.61
CA PHE B 70 -11.79 -12.78 -22.49
C PHE B 70 -12.01 -11.28 -22.69
N HIS B 71 -10.97 -10.55 -23.08
CA HIS B 71 -11.10 -9.09 -23.09
C HIS B 71 -11.76 -8.57 -24.34
N THR B 72 -12.49 -7.47 -24.21
CA THR B 72 -13.18 -6.92 -25.38
C THR B 72 -12.19 -6.29 -26.34
N ASP B 73 -12.54 -6.29 -27.63
CA ASP B 73 -11.66 -5.69 -28.61
CA ASP B 73 -11.71 -5.66 -28.64
C ASP B 73 -11.49 -4.20 -28.31
N ALA B 74 -12.55 -3.53 -27.88
CA ALA B 74 -12.46 -2.10 -27.59
C ALA B 74 -11.47 -1.82 -26.46
N TYR B 75 -11.48 -2.63 -25.41
CA TYR B 75 -10.53 -2.45 -24.31
C TYR B 75 -9.10 -2.73 -24.81
N LEU B 76 -8.92 -3.83 -25.54
CA LEU B 76 -7.57 -4.18 -25.99
C LEU B 76 -7.01 -3.11 -26.94
N GLN B 77 -7.86 -2.57 -27.80
CA GLN B 77 -7.38 -1.57 -28.73
C GLN B 77 -7.00 -0.29 -27.98
N HIS B 78 -7.76 0.02 -26.93
CA HIS B 78 -7.45 1.19 -26.14
C HIS B 78 -6.17 0.98 -25.36
N LEU B 79 -6.02 -0.19 -24.76
CA LEU B 79 -4.81 -0.55 -24.05
C LEU B 79 -3.60 -0.38 -24.97
N GLN B 80 -3.72 -0.86 -26.21
CA GLN B 80 -2.59 -0.78 -27.13
C GLN B 80 -2.29 0.66 -27.52
N LYS B 81 -3.33 1.45 -27.76
CA LYS B 81 -3.18 2.86 -28.12
C LYS B 81 -2.44 3.62 -27.02
N VAL B 82 -2.89 3.45 -25.78
CA VAL B 82 -2.23 4.09 -24.63
C VAL B 82 -0.78 3.65 -24.53
N SER B 83 -0.55 2.37 -24.76
CA SER B 83 0.78 1.78 -24.63
C SER B 83 1.73 2.34 -25.69
N GLN B 84 1.20 2.60 -26.87
CA GLN B 84 1.96 3.06 -28.05
C GLN B 84 2.36 4.52 -27.92
N GLU B 85 1.42 5.30 -27.41
CA GLU B 85 1.53 6.75 -27.39
C GLU B 85 1.63 7.25 -25.96
N TYR B 96 -11.79 2.89 -19.09
CA TYR B 96 -11.35 1.50 -19.10
C TYR B 96 -10.49 1.16 -17.88
N GLY B 97 -10.65 1.93 -16.81
CA GLY B 97 -9.94 1.61 -15.57
C GLY B 97 -8.48 2.01 -15.52
N LEU B 98 -8.02 2.74 -16.53
CA LEU B 98 -6.62 3.17 -16.55
C LEU B 98 -6.43 4.53 -15.87
N GLY B 99 -5.26 4.76 -15.30
CA GLY B 99 -4.90 6.09 -14.85
C GLY B 99 -4.88 6.38 -13.36
N TYR B 100 -5.07 5.35 -12.53
CA TYR B 100 -4.95 5.50 -11.09
C TYR B 100 -3.91 4.50 -10.60
N ASP B 101 -4.38 3.35 -10.15
CA ASP B 101 -3.47 2.28 -9.76
C ASP B 101 -3.06 1.42 -10.96
N CYS B 102 -3.74 1.61 -12.08
CA CYS B 102 -3.29 1.04 -13.35
C CYS B 102 -2.91 2.18 -14.27
N PRO B 103 -1.71 2.73 -14.07
CA PRO B 103 -1.30 3.92 -14.81
C PRO B 103 -1.29 3.69 -16.31
N ALA B 104 -1.63 4.73 -17.06
CA ALA B 104 -1.65 4.67 -18.51
C ALA B 104 -0.30 5.08 -19.07
N THR B 105 0.64 4.13 -19.10
CA THR B 105 2.00 4.44 -19.54
C THR B 105 2.46 3.63 -20.75
N GLU B 106 3.54 4.09 -21.37
CA GLU B 106 4.14 3.43 -22.51
C GLU B 106 4.47 1.98 -22.16
N GLY B 107 4.13 1.06 -23.05
CA GLY B 107 4.53 -0.32 -22.85
C GLY B 107 3.61 -1.25 -22.10
N ILE B 108 2.49 -0.74 -21.61
CA ILE B 108 1.62 -1.60 -20.80
C ILE B 108 1.00 -2.74 -21.62
N PHE B 109 0.83 -2.51 -22.93
CA PHE B 109 0.27 -3.58 -23.76
C PHE B 109 1.29 -4.70 -23.98
N ASP B 110 2.56 -4.37 -24.24
CA ASP B 110 3.61 -5.38 -24.35
C ASP B 110 3.71 -6.21 -23.08
N TYR B 111 3.62 -5.54 -21.94
CA TYR B 111 3.68 -6.19 -20.63
C TYR B 111 2.50 -7.16 -20.45
N ALA B 112 1.29 -6.65 -20.67
CA ALA B 112 0.07 -7.46 -20.56
C ALA B 112 0.13 -8.69 -21.48
N ALA B 113 0.53 -8.45 -22.72
CA ALA B 113 0.54 -9.54 -23.68
C ALA B 113 1.60 -10.60 -23.34
N ALA B 114 2.72 -10.19 -22.73
CA ALA B 114 3.73 -11.14 -22.28
C ALA B 114 3.22 -12.01 -21.14
N ILE B 115 2.58 -11.39 -20.16
CA ILE B 115 2.12 -12.18 -19.01
C ILE B 115 0.95 -13.07 -19.41
N GLY B 116 0.02 -12.54 -20.21
CA GLY B 116 -1.10 -13.35 -20.70
C GLY B 116 -0.59 -14.53 -21.53
N GLY B 117 0.35 -14.28 -22.44
CA GLY B 117 0.91 -15.34 -23.24
C GLY B 117 1.63 -16.40 -22.41
N ALA B 118 2.32 -15.97 -21.35
CA ALA B 118 3.00 -16.90 -20.46
C ALA B 118 2.01 -17.83 -19.78
N THR B 119 0.90 -17.31 -19.28
CA THR B 119 -0.08 -18.19 -18.63
C THR B 119 -0.75 -19.12 -19.64
N ILE B 120 -1.03 -18.59 -20.83
CA ILE B 120 -1.60 -19.44 -21.88
C ILE B 120 -0.63 -20.55 -22.27
N THR B 121 0.66 -20.21 -22.34
CA THR B 121 1.68 -21.19 -22.68
C THR B 121 1.71 -22.31 -21.62
N ALA B 122 1.68 -21.92 -20.35
CA ALA B 122 1.59 -22.90 -19.26
C ALA B 122 0.36 -23.80 -19.44
N ALA B 123 -0.79 -23.19 -19.71
CA ALA B 123 -2.02 -23.95 -19.93
C ALA B 123 -1.89 -24.94 -21.08
N GLN B 124 -1.29 -24.49 -22.19
CA GLN B 124 -1.14 -25.37 -23.34
C GLN B 124 -0.19 -26.53 -23.02
N CYS B 125 0.84 -26.28 -22.21
CA CYS B 125 1.75 -27.36 -21.78
C CYS B 125 0.98 -28.44 -21.03
N LEU B 126 0.04 -28.01 -20.19
CA LEU B 126 -0.80 -28.95 -19.46
C LEU B 126 -1.73 -29.73 -20.40
N ILE B 127 -2.31 -29.03 -21.36
CA ILE B 127 -3.19 -29.70 -22.32
C ILE B 127 -2.43 -30.77 -23.09
N ASP B 128 -1.21 -30.44 -23.48
CA ASP B 128 -0.39 -31.34 -24.30
C ASP B 128 0.21 -32.49 -23.50
N GLY B 129 0.03 -32.47 -22.17
CA GLY B 129 0.55 -33.54 -21.33
C GLY B 129 2.05 -33.52 -21.16
N MET B 130 2.65 -32.37 -21.44
CA MET B 130 4.09 -32.16 -21.23
C MET B 130 4.46 -32.34 -19.76
N CYS B 131 3.52 -32.02 -18.88
CA CYS B 131 3.75 -31.94 -17.45
C CYS B 131 2.41 -32.08 -16.72
N LYS B 132 2.43 -32.27 -15.40
CA LYS B 132 1.21 -32.20 -14.61
C LYS B 132 1.13 -30.89 -13.84
N VAL B 133 2.26 -30.20 -13.74
CA VAL B 133 2.33 -28.89 -13.07
C VAL B 133 3.09 -27.91 -13.97
N ALA B 134 2.51 -26.72 -14.22
CA ALA B 134 3.20 -25.68 -15.00
C ALA B 134 3.15 -24.37 -14.22
N ILE B 135 4.27 -23.66 -14.16
CA ILE B 135 4.44 -22.53 -13.25
C ILE B 135 4.67 -21.22 -14.00
N ASN B 136 3.85 -20.20 -13.73
CA ASN B 136 4.15 -18.83 -14.16
C ASN B 136 4.09 -17.92 -12.96
N TRP B 137 5.23 -17.74 -12.29
CA TRP B 137 5.21 -16.95 -11.06
C TRP B 137 4.90 -15.47 -11.31
N SER B 138 5.06 -15.00 -12.56
CA SER B 138 4.77 -13.60 -12.84
C SER B 138 3.32 -13.36 -13.29
N GLY B 139 2.48 -14.41 -13.27
CA GLY B 139 1.06 -14.26 -13.58
C GLY B 139 0.21 -14.16 -12.31
N GLY B 140 -1.10 -14.31 -12.48
CA GLY B 140 -2.01 -14.25 -11.34
C GLY B 140 -2.74 -12.93 -11.15
N TRP B 141 -2.89 -12.16 -12.24
CA TRP B 141 -3.42 -10.79 -12.12
C TRP B 141 -4.97 -10.80 -12.17
N HIS B 142 -5.51 -11.14 -11.01
CA HIS B 142 -6.87 -11.66 -10.91
C HIS B 142 -8.01 -10.64 -10.86
N HIS B 143 -7.69 -9.35 -10.88
CA HIS B 143 -8.74 -8.33 -10.79
C HIS B 143 -9.27 -7.81 -12.11
N ALA B 144 -8.50 -7.95 -13.19
CA ALA B 144 -8.95 -7.30 -14.42
C ALA B 144 -10.27 -7.89 -14.94
N LYS B 145 -11.12 -7.01 -15.45
CA LYS B 145 -12.40 -7.40 -16.05
C LYS B 145 -12.31 -7.44 -17.58
N LYS B 146 -13.38 -7.86 -18.23
CA LYS B 146 -13.28 -8.02 -19.67
C LYS B 146 -13.00 -6.69 -20.34
N ASP B 147 -13.47 -5.59 -19.77
CA ASP B 147 -13.34 -4.29 -20.40
C ASP B 147 -12.77 -3.24 -19.46
N GLU B 148 -12.02 -3.65 -18.45
CA GLU B 148 -11.56 -2.69 -17.45
C GLU B 148 -10.36 -3.22 -16.69
N ALA B 149 -9.29 -2.42 -16.64
CA ALA B 149 -8.18 -2.68 -15.74
C ALA B 149 -8.64 -2.43 -14.31
N SER B 150 -8.03 -3.14 -13.36
CA SER B 150 -8.41 -2.98 -11.96
C SER B 150 -7.30 -3.51 -11.04
N GLY B 151 -7.03 -2.81 -9.96
CA GLY B 151 -6.15 -3.32 -8.92
C GLY B 151 -4.79 -3.79 -9.40
N PHE B 152 -4.10 -2.91 -10.12
CA PHE B 152 -2.79 -3.16 -10.74
C PHE B 152 -2.83 -4.20 -11.87
N CYS B 153 -4.02 -4.67 -12.26
CA CYS B 153 -4.13 -5.71 -13.28
C CYS B 153 -4.63 -5.16 -14.61
N TYR B 154 -3.79 -5.20 -15.63
CA TYR B 154 -4.21 -4.73 -16.94
C TYR B 154 -4.89 -5.81 -17.78
N LEU B 155 -4.60 -7.06 -17.49
CA LEU B 155 -5.12 -8.17 -18.27
C LEU B 155 -5.31 -9.28 -17.27
N ASN B 156 -6.35 -10.09 -17.46
CA ASN B 156 -6.57 -11.17 -16.49
C ASN B 156 -6.01 -12.48 -17.01
N ASP B 157 -4.73 -12.74 -16.73
CA ASP B 157 -4.08 -13.90 -17.32
C ASP B 157 -4.64 -15.17 -16.69
N ALA B 158 -5.13 -15.08 -15.45
CA ALA B 158 -5.75 -16.24 -14.80
C ALA B 158 -6.98 -16.69 -15.59
N VAL B 159 -7.85 -15.73 -15.95
CA VAL B 159 -8.99 -16.07 -16.81
C VAL B 159 -8.52 -16.66 -18.14
N LEU B 160 -7.51 -16.03 -18.76
CA LEU B 160 -7.03 -16.54 -20.04
C LEU B 160 -6.53 -17.98 -19.92
N GLY B 161 -5.85 -18.27 -18.82
CA GLY B 161 -5.39 -19.64 -18.56
C GLY B 161 -6.53 -20.63 -18.40
N ILE B 162 -7.55 -20.24 -17.64
CA ILE B 162 -8.70 -21.13 -17.46
C ILE B 162 -9.42 -21.39 -18.79
N LEU B 163 -9.61 -20.34 -19.59
CA LEU B 163 -10.28 -20.50 -20.88
C LEU B 163 -9.50 -21.39 -21.81
N ARG B 164 -8.16 -21.33 -21.75
CA ARG B 164 -7.38 -22.24 -22.58
C ARG B 164 -7.54 -23.68 -22.09
N LEU B 165 -7.42 -23.90 -20.78
CA LEU B 165 -7.64 -25.24 -20.22
C LEU B 165 -9.01 -25.83 -20.54
N ARG B 166 -10.02 -24.96 -20.61
CA ARG B 166 -11.37 -25.44 -20.88
C ARG B 166 -11.53 -26.00 -22.28
N ARG B 167 -10.59 -25.75 -23.18
CA ARG B 167 -10.68 -26.39 -24.49
C ARG B 167 -10.55 -27.90 -24.38
N LYS B 168 -9.87 -28.34 -23.33
CA LYS B 168 -9.68 -29.77 -23.06
C LYS B 168 -10.49 -30.31 -21.88
N PHE B 169 -10.45 -29.62 -20.75
CA PHE B 169 -10.94 -30.14 -19.48
C PHE B 169 -12.38 -29.70 -19.23
N GLU B 170 -13.24 -30.63 -18.82
CA GLU B 170 -14.66 -30.33 -18.64
C GLU B 170 -15.02 -29.54 -17.39
N ARG B 171 -14.16 -29.57 -16.37
CA ARG B 171 -14.39 -28.80 -15.15
C ARG B 171 -13.06 -28.31 -14.65
N ILE B 172 -13.00 -27.01 -14.38
CA ILE B 172 -11.78 -26.43 -13.84
C ILE B 172 -12.08 -25.85 -12.48
N LEU B 173 -11.21 -26.13 -11.52
CA LEU B 173 -11.26 -25.45 -10.22
C LEU B 173 -10.18 -24.38 -10.16
N TYR B 174 -10.60 -23.15 -9.86
CA TYR B 174 -9.69 -22.03 -9.62
C TYR B 174 -9.64 -21.77 -8.13
N VAL B 175 -8.43 -21.80 -7.56
CA VAL B 175 -8.25 -21.57 -6.13
C VAL B 175 -7.34 -20.37 -5.98
N ASP B 176 -7.79 -19.37 -5.22
CA ASP B 176 -7.09 -18.09 -5.13
C ASP B 176 -6.72 -17.80 -3.68
N LEU B 177 -5.42 -17.92 -3.39
CA LEU B 177 -4.94 -17.74 -2.00
C LEU B 177 -4.24 -16.41 -1.80
N ASP B 178 -4.34 -15.52 -2.80
CA ASP B 178 -3.94 -14.11 -2.60
C ASP B 178 -4.67 -13.49 -1.39
N LEU B 179 -4.07 -12.48 -0.76
CA LEU B 179 -4.76 -11.72 0.28
C LEU B 179 -6.11 -11.18 -0.18
N HIS B 180 -6.18 -10.81 -1.46
CA HIS B 180 -7.35 -10.09 -2.01
C HIS B 180 -8.32 -11.02 -2.72
N HIS B 181 -9.61 -10.67 -2.67
CA HIS B 181 -10.62 -11.43 -3.38
C HIS B 181 -10.33 -11.49 -4.89
N GLY B 182 -10.42 -12.70 -5.45
CA GLY B 182 -10.23 -12.91 -6.87
C GLY B 182 -11.49 -12.52 -7.63
N ASP B 183 -11.87 -11.26 -7.58
CA ASP B 183 -13.14 -10.82 -8.17
C ASP B 183 -13.21 -10.93 -9.71
N GLY B 184 -12.12 -10.58 -10.38
CA GLY B 184 -12.18 -10.63 -11.83
C GLY B 184 -12.39 -12.02 -12.37
N VAL B 185 -11.73 -12.99 -11.75
CA VAL B 185 -11.89 -14.36 -12.18
C VAL B 185 -13.28 -14.88 -11.80
N GLU B 186 -13.70 -14.61 -10.57
CA GLU B 186 -15.03 -15.02 -10.13
C GLU B 186 -16.10 -14.46 -11.08
N ASP B 187 -15.97 -13.18 -11.41
CA ASP B 187 -17.01 -12.54 -12.23
C ASP B 187 -17.02 -13.09 -13.64
N ALA B 188 -15.84 -13.39 -14.17
CA ALA B 188 -15.74 -13.97 -15.52
C ALA B 188 -16.49 -15.27 -15.64
N PHE B 189 -16.53 -16.03 -14.55
CA PHE B 189 -17.12 -17.38 -14.58
C PHE B 189 -18.37 -17.47 -13.73
N SER B 190 -18.92 -16.33 -13.36
CA SER B 190 -20.06 -16.25 -12.45
CA SER B 190 -20.02 -16.33 -12.40
C SER B 190 -21.28 -17.03 -12.92
N PHE B 191 -21.46 -17.12 -14.25
CA PHE B 191 -22.69 -17.71 -14.83
C PHE B 191 -22.50 -19.12 -15.34
N THR B 192 -21.33 -19.72 -15.06
CA THR B 192 -21.10 -21.09 -15.50
C THR B 192 -20.85 -22.07 -14.33
N SER B 193 -21.34 -23.30 -14.51
CA SER B 193 -21.10 -24.38 -13.58
C SER B 193 -19.90 -25.24 -13.98
N LYS B 194 -19.18 -24.86 -15.03
CA LYS B 194 -18.06 -25.67 -15.49
C LYS B 194 -16.72 -25.21 -14.93
N VAL B 195 -16.73 -24.02 -14.32
CA VAL B 195 -15.55 -23.47 -13.64
C VAL B 195 -16.00 -23.08 -12.25
N MET B 196 -15.41 -23.67 -11.22
CA MET B 196 -15.73 -23.27 -9.86
C MET B 196 -14.58 -22.41 -9.37
N THR B 197 -14.91 -21.25 -8.81
CA THR B 197 -13.87 -20.38 -8.22
C THR B 197 -13.96 -20.45 -6.69
N VAL B 198 -12.80 -20.53 -6.05
CA VAL B 198 -12.70 -20.56 -4.60
C VAL B 198 -11.68 -19.51 -4.20
N SER B 199 -12.09 -18.54 -3.39
CA SER B 199 -11.15 -17.50 -2.94
C SER B 199 -11.15 -17.42 -1.42
N LEU B 200 -9.97 -17.46 -0.84
CA LEU B 200 -9.76 -17.13 0.59
C LEU B 200 -9.14 -15.74 0.61
N HIS B 201 -9.68 -14.80 1.40
CA HIS B 201 -9.16 -13.42 1.31
C HIS B 201 -9.59 -12.61 2.49
N LYS B 202 -8.92 -11.49 2.70
CA LYS B 202 -9.34 -10.56 3.72
C LYS B 202 -10.63 -9.89 3.26
N PHE B 203 -11.61 -9.84 4.16
CA PHE B 203 -12.89 -9.25 3.83
C PHE B 203 -13.28 -8.35 5.00
N SER B 204 -13.27 -7.05 4.74
CA SER B 204 -13.50 -6.05 5.79
C SER B 204 -13.95 -4.78 5.11
N PRO B 205 -14.94 -4.07 5.67
CA PRO B 205 -15.39 -2.84 5.03
C PRO B 205 -14.25 -1.85 4.81
N GLY B 206 -14.06 -1.46 3.56
CA GLY B 206 -12.96 -0.57 3.20
C GLY B 206 -11.79 -1.29 2.57
N PHE B 207 -11.78 -2.62 2.63
CA PHE B 207 -10.61 -3.33 2.13
C PHE B 207 -10.83 -3.83 0.70
N PHE B 208 -9.88 -3.52 -0.18
CA PHE B 208 -9.99 -3.82 -1.62
C PHE B 208 -10.17 -5.31 -1.92
N PRO B 209 -11.03 -5.66 -2.87
CA PRO B 209 -11.91 -4.81 -3.68
C PRO B 209 -13.32 -4.64 -3.11
N GLY B 210 -13.56 -5.17 -1.92
CA GLY B 210 -14.84 -4.97 -1.23
C GLY B 210 -15.86 -6.08 -1.39
N THR B 211 -15.57 -6.99 -2.30
CA THR B 211 -16.45 -8.08 -2.66
C THR B 211 -15.99 -9.41 -2.07
N GLY B 212 -16.84 -10.44 -2.18
CA GLY B 212 -16.41 -11.76 -1.77
C GLY B 212 -16.84 -12.14 -0.37
N ASP B 213 -18.03 -11.72 0.06
CA ASP B 213 -18.55 -12.26 1.31
C ASP B 213 -18.96 -13.72 1.09
N VAL B 214 -19.21 -14.45 2.18
CA VAL B 214 -19.54 -15.88 2.04
C VAL B 214 -20.87 -16.09 1.31
N SER B 215 -21.73 -15.06 1.33
CA SER B 215 -23.00 -15.08 0.63
C SER B 215 -22.88 -14.89 -0.89
N ASP B 216 -21.68 -14.55 -1.37
CA ASP B 216 -21.41 -14.41 -2.80
CA ASP B 216 -21.51 -14.43 -2.80
C ASP B 216 -21.21 -15.81 -3.37
N VAL B 217 -22.19 -16.34 -4.11
CA VAL B 217 -22.13 -17.74 -4.55
C VAL B 217 -22.27 -17.89 -6.06
N GLY B 218 -22.23 -16.78 -6.80
CA GLY B 218 -22.43 -16.83 -8.25
C GLY B 218 -23.89 -16.65 -8.64
N LEU B 219 -24.15 -16.69 -9.95
CA LEU B 219 -25.47 -16.32 -10.47
C LEU B 219 -25.97 -17.26 -11.54
N GLY B 220 -27.29 -17.40 -11.64
CA GLY B 220 -27.89 -18.18 -12.69
C GLY B 220 -27.45 -19.63 -12.65
N LYS B 221 -27.06 -20.16 -13.81
CA LYS B 221 -26.52 -21.52 -13.89
C LYS B 221 -25.25 -21.68 -13.05
N GLY B 222 -24.60 -20.56 -12.72
CA GLY B 222 -23.42 -20.62 -11.91
C GLY B 222 -23.68 -20.47 -10.41
N ARG B 223 -24.94 -20.40 -10.02
CA ARG B 223 -25.22 -20.31 -8.59
C ARG B 223 -24.67 -21.53 -7.85
N TYR B 224 -23.88 -21.25 -6.80
CA TYR B 224 -23.16 -22.19 -5.92
C TYR B 224 -21.83 -22.65 -6.48
N TYR B 225 -21.45 -22.11 -7.65
CA TYR B 225 -20.15 -22.42 -8.24
C TYR B 225 -19.14 -21.28 -8.06
N SER B 226 -19.44 -20.34 -7.16
CA SER B 226 -18.43 -19.43 -6.58
C SER B 226 -18.41 -19.67 -5.09
N VAL B 227 -17.20 -19.81 -4.53
CA VAL B 227 -17.03 -20.06 -3.11
C VAL B 227 -16.11 -18.96 -2.57
N ASN B 228 -16.56 -18.30 -1.50
CA ASN B 228 -15.77 -17.23 -0.89
C ASN B 228 -15.63 -17.44 0.60
N VAL B 229 -14.39 -17.32 1.07
CA VAL B 229 -14.05 -17.52 2.47
C VAL B 229 -13.52 -16.21 3.01
N PRO B 230 -14.39 -15.37 3.60
CA PRO B 230 -13.93 -14.11 4.19
C PRO B 230 -13.16 -14.33 5.47
N ILE B 231 -11.95 -13.78 5.55
CA ILE B 231 -11.07 -13.95 6.70
C ILE B 231 -10.60 -12.59 7.24
N GLN B 232 -10.36 -12.51 8.55
CA GLN B 232 -9.91 -11.27 9.18
C GLN B 232 -8.39 -11.21 9.37
N ASP B 233 -7.92 -10.03 9.77
CA ASP B 233 -6.49 -9.83 10.01
C ASP B 233 -5.89 -10.85 10.98
N GLY B 234 -4.63 -11.18 10.74
CA GLY B 234 -3.82 -11.85 11.73
C GLY B 234 -3.82 -13.37 11.65
N ILE B 235 -4.49 -13.93 10.66
CA ILE B 235 -4.52 -15.39 10.57
C ILE B 235 -3.10 -15.95 10.35
N GLN B 236 -2.82 -17.06 11.04
CA GLN B 236 -1.53 -17.73 10.92
C GLN B 236 -1.70 -19.13 10.30
N ASP B 237 -0.58 -19.81 10.10
CA ASP B 237 -0.52 -21.03 9.29
C ASP B 237 -1.50 -22.15 9.65
N GLU B 238 -1.60 -22.49 10.93
CA GLU B 238 -2.41 -23.64 11.36
C GLU B 238 -3.89 -23.40 11.09
N LYS B 239 -4.41 -22.25 11.51
CA LYS B 239 -5.82 -21.97 11.32
C LYS B 239 -6.15 -21.82 9.83
N TYR B 240 -5.26 -21.18 9.08
CA TYR B 240 -5.50 -20.99 7.67
C TYR B 240 -5.58 -22.34 6.96
N TYR B 241 -4.64 -23.22 7.26
CA TYR B 241 -4.68 -24.54 6.62
C TYR B 241 -5.93 -25.32 7.02
N GLN B 242 -6.35 -25.25 8.28
CA GLN B 242 -7.58 -25.94 8.70
C GLN B 242 -8.76 -25.48 7.86
N ILE B 243 -8.88 -24.17 7.66
CA ILE B 243 -9.92 -23.58 6.84
C ILE B 243 -9.81 -24.04 5.39
N CYS B 244 -8.62 -23.87 4.81
CA CYS B 244 -8.42 -24.21 3.42
C CYS B 244 -8.67 -25.70 3.15
N GLU B 245 -8.12 -26.58 3.98
CA GLU B 245 -8.31 -28.01 3.78
CA GLU B 245 -8.31 -28.01 3.78
C GLU B 245 -9.78 -28.38 3.89
N SER B 246 -10.49 -27.78 4.84
CA SER B 246 -11.90 -28.06 5.02
CA SER B 246 -11.90 -28.06 5.02
C SER B 246 -12.71 -27.71 3.78
N VAL B 247 -12.47 -26.54 3.24
CA VAL B 247 -13.19 -26.08 2.07
C VAL B 247 -12.80 -26.90 0.85
N LEU B 248 -11.51 -27.13 0.65
CA LEU B 248 -11.09 -27.85 -0.56
C LEU B 248 -11.50 -29.31 -0.57
N LYS B 249 -11.57 -29.93 0.61
CA LYS B 249 -12.07 -31.30 0.71
C LYS B 249 -13.53 -31.35 0.25
N GLU B 250 -14.33 -30.38 0.70
CA GLU B 250 -15.74 -30.35 0.31
C GLU B 250 -15.91 -30.03 -1.16
N VAL B 251 -15.09 -29.12 -1.66
CA VAL B 251 -15.16 -28.72 -3.08
C VAL B 251 -14.76 -29.88 -3.98
N TYR B 252 -13.66 -30.54 -3.64
CA TYR B 252 -13.21 -31.66 -4.45
C TYR B 252 -14.27 -32.76 -4.55
N GLN B 253 -14.89 -33.10 -3.42
CA GLN B 253 -15.92 -34.11 -3.39
C GLN B 253 -17.16 -33.70 -4.21
N ALA B 254 -17.56 -32.43 -4.11
CA ALA B 254 -18.80 -31.96 -4.74
C ALA B 254 -18.63 -31.72 -6.24
N PHE B 255 -17.49 -31.15 -6.60
CA PHE B 255 -17.29 -30.61 -7.94
C PHE B 255 -16.45 -31.52 -8.85
N ASN B 256 -15.57 -32.35 -8.26
CA ASN B 256 -14.78 -33.31 -9.04
C ASN B 256 -14.04 -32.67 -10.23
N PRO B 257 -13.15 -31.73 -9.93
CA PRO B 257 -12.47 -31.00 -10.99
C PRO B 257 -11.55 -31.90 -11.81
N LYS B 258 -11.32 -31.51 -13.06
CA LYS B 258 -10.43 -32.23 -13.95
C LYS B 258 -9.09 -31.51 -14.12
N ALA B 259 -9.04 -30.25 -13.74
CA ALA B 259 -7.80 -29.49 -13.72
C ALA B 259 -7.92 -28.33 -12.74
N VAL B 260 -6.78 -27.78 -12.33
CA VAL B 260 -6.76 -26.74 -11.30
C VAL B 260 -5.89 -25.58 -11.75
N VAL B 261 -6.37 -24.37 -11.47
CA VAL B 261 -5.54 -23.17 -11.58
C VAL B 261 -5.42 -22.55 -10.20
N LEU B 262 -4.19 -22.32 -9.74
CA LEU B 262 -3.95 -21.97 -8.34
C LEU B 262 -3.16 -20.68 -8.29
N GLN B 263 -3.74 -19.65 -7.70
CA GLN B 263 -3.10 -18.33 -7.57
C GLN B 263 -2.53 -18.22 -6.16
N LEU B 264 -1.24 -17.90 -6.05
CA LEU B 264 -0.54 -17.99 -4.78
C LEU B 264 0.10 -16.66 -4.44
N GLY B 265 -0.65 -15.57 -4.58
CA GLY B 265 -0.12 -14.27 -4.23
C GLY B 265 0.45 -14.25 -2.83
N ALA B 266 1.66 -13.69 -2.70
CA ALA B 266 2.40 -13.74 -1.45
C ALA B 266 2.14 -12.55 -0.53
N ASP B 267 1.06 -11.79 -0.80
CA ASP B 267 0.77 -10.64 0.05
C ASP B 267 0.02 -11.03 1.33
N THR B 268 -0.11 -12.34 1.57
CA THR B 268 -0.55 -12.88 2.84
C THR B 268 0.56 -13.08 3.84
N ILE B 269 1.81 -12.97 3.37
CA ILE B 269 2.96 -13.45 4.15
C ILE B 269 3.41 -12.38 5.14
N ALA B 270 3.69 -12.80 6.37
CA ALA B 270 4.22 -11.89 7.40
C ALA B 270 5.36 -11.03 6.80
N GLY B 271 5.32 -9.74 7.09
CA GLY B 271 6.33 -8.83 6.55
C GLY B 271 5.88 -8.06 5.32
N ASP B 272 4.75 -8.43 4.73
CA ASP B 272 4.27 -7.71 3.57
C ASP B 272 3.77 -6.36 4.03
N PRO B 273 4.00 -5.31 3.22
CA PRO B 273 3.47 -3.99 3.61
C PRO B 273 1.94 -3.97 3.82
N MET B 274 1.22 -4.90 3.21
CA MET B 274 -0.23 -5.00 3.42
C MET B 274 -0.54 -5.25 4.89
N CYS B 275 0.38 -5.92 5.58
CA CYS B 275 0.31 -6.12 7.03
C CYS B 275 -1.08 -6.53 7.50
N SER B 276 -1.62 -7.55 6.87
CA SER B 276 -2.98 -8.02 7.16
CA SER B 276 -2.97 -8.03 7.16
C SER B 276 -2.94 -9.44 7.69
N PHE B 277 -2.76 -10.42 6.80
CA PHE B 277 -2.60 -11.79 7.30
C PHE B 277 -1.20 -11.97 7.89
N ASN B 278 -0.98 -13.12 8.53
CA ASN B 278 0.29 -13.32 9.23
C ASN B 278 0.82 -14.72 8.93
N MET B 279 0.85 -15.04 7.62
CA MET B 279 1.19 -16.37 7.16
C MET B 279 2.66 -16.55 6.94
N THR B 280 3.08 -17.81 6.85
CA THR B 280 4.42 -18.11 6.34
C THR B 280 4.29 -19.00 5.12
N PRO B 281 5.37 -19.10 4.32
CA PRO B 281 5.24 -19.97 3.15
C PRO B 281 4.96 -21.43 3.50
N VAL B 282 5.30 -21.85 4.72
CA VAL B 282 5.03 -23.24 5.10
C VAL B 282 3.53 -23.53 5.13
N GLY B 283 2.75 -22.57 5.65
CA GLY B 283 1.31 -22.73 5.68
C GLY B 283 0.68 -22.78 4.29
N ILE B 284 1.10 -21.86 3.43
CA ILE B 284 0.62 -21.86 2.06
C ILE B 284 1.07 -23.15 1.39
N GLY B 285 2.27 -23.60 1.72
CA GLY B 285 2.79 -24.84 1.17
C GLY B 285 1.95 -26.05 1.52
N LYS B 286 1.38 -26.07 2.72
CA LYS B 286 0.51 -27.19 3.09
C LYS B 286 -0.76 -27.20 2.21
N CYS B 287 -1.28 -26.02 1.90
CA CYS B 287 -2.46 -25.93 1.03
C CYS B 287 -2.08 -26.43 -0.36
N LEU B 288 -0.94 -25.96 -0.85
CA LEU B 288 -0.43 -26.41 -2.14
C LEU B 288 -0.27 -27.92 -2.16
N LYS B 289 0.30 -28.50 -1.10
CA LYS B 289 0.48 -29.95 -1.07
C LYS B 289 -0.84 -30.70 -1.16
N TYR B 290 -1.86 -30.16 -0.50
CA TYR B 290 -3.18 -30.80 -0.51
C TYR B 290 -3.75 -30.86 -1.92
N ILE B 291 -3.51 -29.78 -2.68
CA ILE B 291 -4.00 -29.70 -4.05
C ILE B 291 -3.17 -30.62 -4.97
N LEU B 292 -1.86 -30.62 -4.78
CA LEU B 292 -1.02 -31.47 -5.62
C LEU B 292 -1.33 -32.96 -5.45
N GLN B 293 -1.78 -33.37 -4.27
CA GLN B 293 -2.02 -34.80 -4.11
C GLN B 293 -3.27 -35.28 -4.84
N TRP B 294 -4.08 -34.36 -5.39
CA TRP B 294 -5.14 -34.74 -6.33
C TRP B 294 -4.58 -35.30 -7.65
N GLN B 295 -3.33 -34.98 -7.94
CA GLN B 295 -2.64 -35.44 -9.15
C GLN B 295 -3.40 -35.04 -10.42
N LEU B 296 -3.90 -33.81 -10.43
CA LEU B 296 -4.51 -33.22 -11.62
C LEU B 296 -3.57 -32.24 -12.28
N ALA B 297 -3.76 -32.03 -13.58
CA ALA B 297 -3.12 -30.90 -14.24
C ALA B 297 -3.34 -29.62 -13.44
N THR B 298 -2.24 -28.96 -13.07
CA THR B 298 -2.30 -27.80 -12.18
C THR B 298 -1.44 -26.66 -12.72
N LEU B 299 -2.08 -25.51 -12.90
CA LEU B 299 -1.40 -24.31 -13.37
C LEU B 299 -1.18 -23.39 -12.17
N ILE B 300 0.08 -23.12 -11.88
CA ILE B 300 0.51 -22.35 -10.70
C ILE B 300 0.83 -20.91 -11.07
N LEU B 301 0.16 -19.95 -10.44
CA LEU B 301 0.40 -18.51 -10.69
C LEU B 301 0.86 -17.80 -9.44
N GLY B 302 1.54 -16.68 -9.61
CA GLY B 302 1.82 -15.78 -8.50
C GLY B 302 0.67 -14.82 -8.25
N GLY B 303 1.00 -13.57 -7.98
CA GLY B 303 0.00 -12.55 -7.70
C GLY B 303 0.60 -11.40 -6.94
N GLY B 304 -0.15 -10.86 -5.97
CA GLY B 304 0.40 -9.81 -5.12
C GLY B 304 1.59 -10.31 -4.31
N GLY B 305 2.29 -9.38 -3.68
CA GLY B 305 3.51 -9.71 -2.93
C GLY B 305 4.43 -8.52 -3.02
N TYR B 306 4.53 -7.77 -1.94
CA TYR B 306 5.08 -6.43 -1.98
C TYR B 306 6.31 -6.26 -1.10
N ASN B 307 6.69 -7.33 -0.40
CA ASN B 307 8.00 -7.42 0.24
C ASN B 307 8.79 -8.29 -0.72
N LEU B 308 9.76 -7.69 -1.43
CA LEU B 308 10.29 -8.39 -2.59
C LEU B 308 11.07 -9.65 -2.16
N ALA B 309 11.93 -9.51 -1.16
CA ALA B 309 12.71 -10.66 -0.71
C ALA B 309 11.80 -11.73 -0.10
N ASN B 310 10.77 -11.33 0.64
CA ASN B 310 9.85 -12.37 1.15
C ASN B 310 9.02 -13.04 0.08
N THR B 311 8.66 -12.30 -0.97
CA THR B 311 7.92 -12.93 -2.06
C THR B 311 8.82 -13.95 -2.77
N ALA B 312 10.09 -13.58 -2.97
CA ALA B 312 11.01 -14.54 -3.52
C ALA B 312 11.21 -15.72 -2.57
N ARG B 313 11.36 -15.47 -1.27
CA ARG B 313 11.46 -16.59 -0.33
C ARG B 313 10.25 -17.52 -0.45
N CYS B 314 9.08 -16.93 -0.54
CA CYS B 314 7.86 -17.70 -0.56
C CYS B 314 7.78 -18.56 -1.81
N TRP B 315 7.89 -17.93 -2.97
CA TRP B 315 7.70 -18.68 -4.20
C TRP B 315 8.83 -19.66 -4.46
N THR B 316 10.04 -19.36 -3.97
CA THR B 316 11.11 -20.33 -4.03
C THR B 316 10.78 -21.54 -3.15
N TYR B 317 10.36 -21.29 -1.92
CA TYR B 317 9.94 -22.40 -1.08
C TYR B 317 8.83 -23.24 -1.74
N LEU B 318 7.81 -22.60 -2.31
CA LEU B 318 6.73 -23.34 -2.92
C LEU B 318 7.20 -24.12 -4.16
N THR B 319 8.22 -23.60 -4.86
CA THR B 319 8.79 -24.35 -5.98
C THR B 319 9.43 -25.62 -5.43
N GLY B 320 10.09 -25.51 -4.28
CA GLY B 320 10.62 -26.68 -3.61
C GLY B 320 9.54 -27.68 -3.23
N VAL B 321 8.41 -27.18 -2.74
CA VAL B 321 7.28 -28.08 -2.40
C VAL B 321 6.80 -28.86 -3.62
N ILE B 322 6.65 -28.15 -4.76
CA ILE B 322 6.25 -28.78 -6.01
C ILE B 322 7.23 -29.90 -6.41
N LEU B 323 8.52 -29.68 -6.16
CA LEU B 323 9.54 -30.65 -6.53
C LEU B 323 9.79 -31.72 -5.47
N GLY B 324 9.13 -31.59 -4.34
CA GLY B 324 9.34 -32.52 -3.22
C GLY B 324 10.70 -32.41 -2.56
N LYS B 325 11.27 -31.21 -2.56
CA LYS B 325 12.63 -31.01 -2.07
C LYS B 325 12.65 -30.21 -0.79
N THR B 326 13.61 -30.51 0.08
CA THR B 326 13.84 -29.66 1.25
CA THR B 326 13.84 -29.66 1.25
C THR B 326 15.02 -28.75 0.95
N LEU B 327 14.79 -27.44 1.06
CA LEU B 327 15.81 -26.45 0.73
C LEU B 327 16.63 -26.07 1.96
N SER B 328 17.89 -25.74 1.72
CA SER B 328 18.76 -25.21 2.76
C SER B 328 18.10 -24.03 3.45
N SER B 329 18.20 -23.96 4.78
CA SER B 329 17.65 -22.83 5.49
C SER B 329 18.42 -21.55 5.23
N GLU B 330 19.67 -21.67 4.81
CA GLU B 330 20.48 -20.48 4.54
C GLU B 330 20.28 -20.04 3.10
N ILE B 331 20.00 -18.74 2.90
CA ILE B 331 19.91 -18.19 1.54
C ILE B 331 21.30 -18.32 0.89
N PRO B 332 21.38 -19.00 -0.28
CA PRO B 332 22.66 -19.12 -0.98
C PRO B 332 23.16 -17.79 -1.52
N ASP B 333 24.47 -17.63 -1.59
CA ASP B 333 25.04 -16.50 -2.28
C ASP B 333 24.50 -16.45 -3.71
N HIS B 334 24.15 -15.24 -4.17
CA HIS B 334 23.65 -15.02 -5.51
C HIS B 334 23.53 -13.50 -5.72
N GLU B 335 23.10 -13.08 -6.91
CA GLU B 335 23.05 -11.67 -7.28
C GLU B 335 22.38 -10.74 -6.25
N PHE B 336 21.29 -11.19 -5.64
CA PHE B 336 20.51 -10.34 -4.73
C PHE B 336 20.68 -10.69 -3.27
N PHE B 337 21.75 -11.41 -2.95
CA PHE B 337 21.97 -11.92 -1.62
C PHE B 337 21.84 -10.84 -0.55
N THR B 338 22.31 -9.63 -0.81
CA THR B 338 22.36 -8.65 0.28
CA THR B 338 22.35 -8.61 0.24
C THR B 338 20.94 -8.20 0.64
N ALA B 339 19.97 -8.46 -0.23
CA ALA B 339 18.58 -8.10 0.06
C ALA B 339 17.92 -9.01 1.11
N TYR B 340 18.58 -10.10 1.49
CA TYR B 340 17.99 -11.09 2.42
C TYR B 340 18.42 -10.89 3.87
N GLY B 341 19.07 -9.76 4.17
CA GLY B 341 19.45 -9.47 5.54
C GLY B 341 18.24 -9.01 6.32
N PRO B 342 18.38 -8.94 7.65
CA PRO B 342 19.63 -9.15 8.38
C PRO B 342 19.98 -10.62 8.69
N ASP B 343 19.06 -11.55 8.42
CA ASP B 343 19.27 -12.91 8.89
C ASP B 343 19.68 -13.90 7.80
N TYR B 344 19.40 -13.57 6.53
CA TYR B 344 19.82 -14.39 5.39
C TYR B 344 19.34 -15.85 5.47
N VAL B 345 18.09 -16.02 5.94
CA VAL B 345 17.49 -17.36 5.94
C VAL B 345 16.19 -17.39 5.16
N LEU B 346 15.82 -18.60 4.76
CA LEU B 346 14.62 -18.83 3.94
C LEU B 346 13.32 -18.70 4.72
N GLU B 347 13.35 -19.15 5.96
N GLU B 347 13.34 -19.18 5.97
CA GLU B 347 12.16 -19.15 6.82
CA GLU B 347 12.15 -19.16 6.84
C GLU B 347 11.73 -17.73 7.15
C GLU B 347 11.73 -17.74 7.19
N ILE B 348 10.42 -17.51 7.23
CA ILE B 348 9.88 -16.22 7.62
C ILE B 348 9.19 -16.36 8.96
N THR B 349 9.48 -15.47 9.89
CA THR B 349 8.91 -15.52 11.21
C THR B 349 7.61 -14.69 11.27
N PRO B 350 6.52 -15.26 11.80
CA PRO B 350 5.32 -14.43 11.92
C PRO B 350 5.52 -13.21 12.82
N SER B 351 4.76 -12.15 12.54
CA SER B 351 4.72 -10.95 13.35
C SER B 351 4.00 -11.18 14.65
N CYS B 352 4.35 -10.41 15.67
CA CYS B 352 3.67 -10.52 16.95
CA CYS B 352 3.65 -10.53 16.94
C CYS B 352 2.45 -9.60 16.95
N ARG B 353 1.37 -10.04 16.32
CA ARG B 353 0.15 -9.26 16.43
C ARG B 353 -1.02 -10.25 16.44
N PRO B 354 -2.20 -9.79 16.89
CA PRO B 354 -3.32 -10.70 17.19
C PRO B 354 -3.97 -11.32 15.95
N ASP B 355 -4.49 -12.55 16.11
CA ASP B 355 -5.38 -13.18 15.14
C ASP B 355 -6.80 -12.71 15.46
N ARG B 356 -7.43 -12.00 14.54
CA ARG B 356 -8.76 -11.45 14.75
CA ARG B 356 -8.76 -11.47 14.80
C ARG B 356 -9.88 -12.38 14.29
N ASN B 357 -9.54 -13.62 13.93
CA ASN B 357 -10.56 -14.57 13.51
C ASN B 357 -11.16 -15.37 14.68
N GLU B 358 -12.43 -15.12 14.95
CA GLU B 358 -13.12 -15.81 16.02
C GLU B 358 -13.52 -17.20 15.56
N PRO B 359 -13.21 -18.24 16.36
CA PRO B 359 -13.51 -19.62 15.97
C PRO B 359 -14.97 -19.85 15.60
N HIS B 360 -15.91 -19.24 16.32
CA HIS B 360 -17.31 -19.47 15.98
C HIS B 360 -17.70 -18.87 14.63
N ARG B 361 -17.11 -17.74 14.24
CA ARG B 361 -17.43 -17.17 12.95
C ARG B 361 -16.88 -18.04 11.84
N ILE B 362 -15.66 -18.51 12.00
CA ILE B 362 -15.06 -19.41 11.01
C ILE B 362 -15.93 -20.67 10.85
N GLN B 363 -16.40 -21.24 11.95
CA GLN B 363 -17.23 -22.45 11.85
C GLN B 363 -18.51 -22.14 11.07
N GLN B 364 -19.09 -20.98 11.29
CA GLN B 364 -20.30 -20.68 10.57
C GLN B 364 -20.05 -20.39 9.09
N ILE B 365 -18.92 -19.77 8.77
CA ILE B 365 -18.52 -19.60 7.37
CA ILE B 365 -18.55 -19.60 7.36
C ILE B 365 -18.43 -20.95 6.69
N LEU B 366 -17.74 -21.89 7.34
CA LEU B 366 -17.61 -23.24 6.78
C LEU B 366 -18.95 -23.94 6.64
N ASN B 367 -19.85 -23.77 7.61
CA ASN B 367 -21.19 -24.34 7.50
C ASN B 367 -21.97 -23.81 6.32
N TYR B 368 -21.84 -22.51 6.06
CA TYR B 368 -22.53 -21.96 4.91
C TYR B 368 -22.03 -22.61 3.65
N ILE B 369 -20.70 -22.71 3.54
CA ILE B 369 -20.10 -23.24 2.32
C ILE B 369 -20.50 -24.69 2.11
N LYS B 370 -20.50 -25.47 3.19
CA LYS B 370 -20.92 -26.86 3.07
C LYS B 370 -22.33 -26.97 2.55
N GLY B 371 -23.19 -26.09 3.04
CA GLY B 371 -24.60 -26.08 2.66
C GLY B 371 -24.73 -25.71 1.20
N ASN B 372 -23.92 -24.76 0.75
CA ASN B 372 -23.95 -24.35 -0.65
C ASN B 372 -23.50 -25.48 -1.55
N LEU B 373 -22.43 -26.15 -1.15
CA LEU B 373 -21.89 -27.22 -1.98
C LEU B 373 -22.82 -28.42 -2.06
N LYS B 374 -23.77 -28.57 -1.13
CA LYS B 374 -24.76 -29.64 -1.26
C LYS B 374 -25.56 -29.51 -2.56
N HIS B 375 -25.75 -28.28 -3.03
CA HIS B 375 -26.47 -28.02 -4.27
C HIS B 375 -25.66 -28.43 -5.49
N VAL B 376 -24.34 -28.41 -5.36
CA VAL B 376 -23.48 -28.78 -6.46
C VAL B 376 -23.50 -30.30 -6.63
N VAL B 377 -24.06 -30.74 -7.75
CA VAL B 377 -24.22 -32.18 -8.01
C VAL B 377 -24.18 -32.45 -9.52
ZN ZN C . 1.34 7.70 5.57
K K D . 2.01 10.22 12.24
K K E . 13.76 16.27 19.43
CL1 XCH F . 6.11 -1.72 -1.22
C8 XCH F . 5.54 -0.52 -0.02
C9 XCH F . 4.18 -0.30 0.10
C10 XCH F . 3.73 0.62 1.03
C11 XCH F . 2.26 0.89 1.19
C5 XCH F . 4.64 1.31 1.80
C6 XCH F . 6.01 1.10 1.69
C7 XCH F . 6.46 0.17 0.76
O3 XCH F . 4.16 2.22 2.70
C4 XCH F . 4.74 3.50 2.74
C3 XCH F . 3.63 4.40 3.25
C2 XCH F . 3.94 5.82 2.86
C1 XCH F . 3.19 6.79 3.73
O1 XCH F . 2.01 7.09 3.55
N1 XCH F . 3.92 7.33 4.67
O2 XCH F . 3.28 8.28 5.43
ZN ZN G . -3.30 -9.21 -3.47
K K H . -7.78 -14.72 -2.62
K K I . -18.53 -20.32 -11.56
CL1 XCH J . -3.92 3.26 -4.46
C8 XCH J . -4.17 1.50 -4.24
C9 XCH J . -3.38 0.88 -3.30
C10 XCH J . -3.55 -0.48 -3.08
C11 XCH J . -2.68 -1.16 -2.06
C5 XCH J . -4.49 -1.19 -3.82
C6 XCH J . -5.29 -0.55 -4.77
C7 XCH J . -5.13 0.81 -4.98
O3 XCH J . -4.63 -2.52 -3.62
C4 XCH J . -4.64 -3.34 -4.77
C3 XCH J . -4.13 -4.71 -4.33
C2 XCH J . -3.54 -5.47 -5.49
C1 XCH J . -3.38 -6.92 -5.10
O1 XCH J . -2.48 -7.34 -4.40
N1 XCH J . -4.33 -7.72 -5.56
O2 XCH J . -4.21 -9.03 -5.26
C1 GOL K . -17.53 -10.93 -23.99
O1 GOL K . -17.93 -9.59 -24.17
C2 GOL K . -16.08 -11.04 -24.45
O2 GOL K . -16.04 -11.11 -25.86
C3 GOL K . -15.45 -12.27 -23.79
O3 GOL K . -15.42 -12.09 -22.38
#